data_3EGT
#
_entry.id   3EGT
#
_cell.length_a   133.227
_cell.length_b   119.153
_cell.length_c   62.957
_cell.angle_alpha   90.00
_cell.angle_beta   111.51
_cell.angle_gamma   90.00
#
_symmetry.space_group_name_H-M   'C 1 2 1'
#
loop_
_entity.id
_entity.type
_entity.pdbx_description
1 polymer 'Farnesyl pyrophosphate synthase'
2 non-polymer 'MAGNESIUM ION'
3 non-polymer 1-(2,2-diphosphonoethyl)-3-(heptyloxy)pyridinium
4 water water
#
_entity_poly.entity_id   1
_entity_poly.type   'polypeptide(L)'
_entity_poly.pdbx_seq_one_letter_code
;MGSSHHHHHHSSGLVPRGSHMASMGSSHHHHHHSSGLVPRGSHMASMPMQMFMQVYDEIQMFLLEELELKFDMDPNRVRY
LRKMMDTTCLGGKYNRGLTVIDVAESLLSLSPNNNGEEDDGARRKRVLHDACVCGWMIEFLQAHYLVEDDIMDNSVTRRG
KPCWYRHPDVTVQCAINDGLLLKSWTHMMAMHFFADRPFLQDLLCRFNRVDYTTAVGQLYDVTSMFDSNKLDPDVSQPTT
TDFAEFTLSNYKRIVKYKTAYYTYLLPLVMGLIVSEALPTVDMGVTEELAMLMGEYFQVQDDVMDCFTPPERLGKVGTDI
QDAKCSWLAVTFLAKASSAQVAEFKANYGSGDSEKVATVRRLYEEADLQGDYVAYEAAVAEQVKELIEKLRLCSPGFAAS
VETLWGKTYKRQK
;
_entity_poly.pdbx_strand_id   A,B
#
# COMPACT_ATOMS: atom_id res chain seq x y z
N MET A 47 0.51 10.95 32.19
CA MET A 47 1.92 10.51 31.95
C MET A 47 2.09 9.72 30.63
N PRO A 48 1.33 8.60 30.45
CA PRO A 48 1.55 7.76 29.26
C PRO A 48 1.24 8.49 27.95
N MET A 49 0.21 9.32 27.96
CA MET A 49 -0.12 10.15 26.81
C MET A 49 0.95 11.22 26.54
N GLN A 50 1.56 11.72 27.62
CA GLN A 50 2.58 12.76 27.51
C GLN A 50 3.87 12.22 26.90
N MET A 51 4.29 11.02 27.32
CA MET A 51 5.51 10.41 26.79
C MET A 51 5.28 9.89 25.36
N PHE A 52 4.04 9.48 25.07
CA PHE A 52 3.62 9.04 23.74
C PHE A 52 3.69 10.18 22.73
N MET A 53 3.16 11.34 23.10
CA MET A 53 3.17 12.52 22.23
C MET A 53 4.55 13.12 22.02
N GLN A 54 5.43 13.00 23.02
CA GLN A 54 6.85 13.37 22.91
C GLN A 54 7.54 12.50 21.85
N VAL A 55 7.26 11.20 21.89
CA VAL A 55 7.78 10.25 20.90
C VAL A 55 7.19 10.55 19.52
N TYR A 56 5.92 10.96 19.45
CA TYR A 56 5.34 11.37 18.17
C TYR A 56 6.20 12.44 17.48
N ASP A 57 6.56 13.48 18.24
CA ASP A 57 7.41 14.56 17.72
C ASP A 57 8.80 14.05 17.35
N GLU A 58 9.32 13.13 18.15
CA GLU A 58 10.55 12.44 17.83
C GLU A 58 10.46 11.70 16.47
N ILE A 59 9.42 10.88 16.31
CA ILE A 59 9.18 10.18 15.04
C ILE A 59 8.96 11.16 13.89
N GLN A 60 8.10 12.16 14.10
CA GLN A 60 7.80 13.11 13.04
C GLN A 60 9.05 13.83 12.54
N MET A 61 9.96 14.14 13.45
CA MET A 61 11.14 14.92 13.10
C MET A 61 12.11 14.07 12.28
N PHE A 62 12.37 12.85 12.72
CA PHE A 62 13.20 11.94 11.94
C PHE A 62 12.68 11.85 10.50
N LEU A 63 11.40 11.54 10.36
CA LEU A 63 10.83 11.23 9.04
C LEU A 63 10.91 12.39 8.08
N LEU A 64 10.48 13.56 8.56
CA LEU A 64 10.43 14.74 7.73
C LEU A 64 11.81 15.33 7.43
N GLU A 65 12.75 15.19 8.36
CA GLU A 65 14.11 15.64 8.11
C GLU A 65 14.80 14.72 7.08
N GLU A 66 14.54 13.41 7.16
CA GLU A 66 15.09 12.46 6.20
C GLU A 66 14.65 12.83 4.78
N LEU A 67 13.38 13.24 4.64
CA LEU A 67 12.83 13.63 3.35
C LEU A 67 13.54 14.85 2.78
N GLU A 68 13.74 15.87 3.62
CA GLU A 68 14.53 17.05 3.24
C GLU A 68 15.98 16.70 2.91
N LEU A 69 16.60 15.89 3.75
CA LEU A 69 18.03 15.63 3.68
C LEU A 69 18.42 14.59 2.63
N LYS A 70 17.56 13.60 2.41
CA LYS A 70 17.94 12.47 1.54
C LYS A 70 17.04 12.22 0.34
N PHE A 71 15.89 12.90 0.31
CA PHE A 71 14.89 12.64 -0.73
C PHE A 71 14.60 13.89 -1.56
N ASP A 72 15.53 14.85 -1.49
CA ASP A 72 15.47 16.09 -2.26
C ASP A 72 14.13 16.85 -2.10
N MET A 73 13.49 16.70 -0.94
CA MET A 73 12.16 17.29 -0.75
C MET A 73 12.20 18.76 -0.40
N ASP A 74 11.22 19.50 -0.92
CA ASP A 74 11.10 20.94 -0.75
C ASP A 74 10.23 21.33 0.44
N PRO A 75 10.49 22.52 1.03
CA PRO A 75 9.72 22.94 2.21
C PRO A 75 8.19 22.92 2.04
N ASN A 76 7.71 23.16 0.83
CA ASN A 76 6.26 23.13 0.59
C ASN A 76 5.67 21.72 0.76
N ARG A 77 6.36 20.71 0.23
CA ARG A 77 5.83 19.35 0.31
C ARG A 77 6.06 18.75 1.69
N VAL A 78 7.19 19.09 2.29
CA VAL A 78 7.46 18.74 3.70
C VAL A 78 6.32 19.18 4.63
N ARG A 79 5.89 20.42 4.45
CA ARG A 79 4.77 21.02 5.19
C ARG A 79 3.46 20.28 4.90
N TYR A 80 3.16 20.08 3.62
CA TYR A 80 2.03 19.24 3.21
C TYR A 80 2.01 17.90 3.94
N LEU A 81 3.16 17.22 3.98
CA LEU A 81 3.26 15.90 4.59
C LEU A 81 3.15 15.95 6.11
N ARG A 82 3.70 17.00 6.72
CA ARG A 82 3.55 17.20 8.16
C ARG A 82 2.07 17.35 8.53
N LYS A 83 1.34 18.09 7.69
CA LYS A 83 -0.09 18.28 7.86
C LYS A 83 -0.87 16.99 7.63
N MET A 84 -0.52 16.28 6.57
CA MET A 84 -1.10 14.97 6.26
C MET A 84 -0.94 14.03 7.45
N MET A 85 0.29 13.93 7.95
CA MET A 85 0.58 13.11 9.13
C MET A 85 -0.29 13.48 10.33
N ASP A 86 -0.33 14.78 10.69
CA ASP A 86 -1.08 15.24 11.86
C ASP A 86 -2.57 14.95 11.76
N THR A 87 -3.14 15.29 10.61
CA THR A 87 -4.56 15.05 10.32
C THR A 87 -4.95 13.57 10.34
N THR A 88 -4.11 12.72 9.75
CA THR A 88 -4.45 11.28 9.66
C THR A 88 -4.07 10.47 10.90
N CYS A 89 -2.99 10.86 11.58
CA CYS A 89 -2.51 10.07 12.73
C CYS A 89 -3.00 10.54 14.09
N LEU A 90 -3.35 11.82 14.21
CA LEU A 90 -3.76 12.35 15.53
C LEU A 90 -5.23 12.71 15.58
N GLY A 91 -5.79 12.72 16.80
CA GLY A 91 -7.18 13.13 16.97
C GLY A 91 -8.04 12.02 17.53
N GLY A 92 -7.61 10.78 17.36
CA GLY A 92 -8.33 9.63 17.89
C GLY A 92 -8.11 9.43 19.37
N LYS A 93 -8.48 8.26 19.86
CA LYS A 93 -8.31 7.93 21.28
C LYS A 93 -6.98 7.25 21.56
N TYR A 94 -6.29 6.82 20.49
CA TYR A 94 -4.99 6.10 20.54
C TYR A 94 -5.07 4.78 21.32
N ASN A 95 -6.24 4.14 21.29
CA ASN A 95 -6.41 2.93 22.06
C ASN A 95 -5.43 1.82 21.69
N ARG A 96 -5.21 1.61 20.39
CA ARG A 96 -4.19 0.66 19.91
C ARG A 96 -2.77 0.99 20.43
N GLY A 97 -2.33 2.22 20.23
CA GLY A 97 -0.97 2.61 20.63
C GLY A 97 -0.75 2.53 22.13
N LEU A 98 -1.72 3.05 22.88
CA LEU A 98 -1.67 3.07 24.33
C LEU A 98 -1.66 1.67 24.93
N THR A 99 -2.36 0.74 24.28
CA THR A 99 -2.37 -0.65 24.72
C THR A 99 -0.96 -1.24 24.73
N VAL A 100 -0.14 -0.93 23.73
CA VAL A 100 1.26 -1.38 23.69
C VAL A 100 2.04 -0.89 24.91
N ILE A 101 1.88 0.39 25.24
CA ILE A 101 2.52 0.97 26.41
C ILE A 101 2.10 0.28 27.70
N ASP A 102 0.80 0.08 27.88
CA ASP A 102 0.28 -0.55 29.10
C ASP A 102 0.70 -2.00 29.25
N VAL A 103 0.72 -2.74 28.15
CA VAL A 103 1.20 -4.12 28.16
C VAL A 103 2.66 -4.17 28.59
N ALA A 104 3.49 -3.29 28.02
CA ALA A 104 4.92 -3.23 28.34
C ALA A 104 5.16 -2.84 29.80
N GLU A 105 4.50 -1.76 30.23
CA GLU A 105 4.59 -1.31 31.62
C GLU A 105 4.17 -2.41 32.60
N SER A 106 3.16 -3.19 32.23
CA SER A 106 2.66 -4.28 33.08
C SER A 106 3.63 -5.45 33.20
N LEU A 107 4.52 -5.59 32.22
CA LEU A 107 5.42 -6.74 32.15
C LEU A 107 6.85 -6.48 32.63
N LEU A 108 7.19 -5.24 32.98
CA LEU A 108 8.56 -4.97 33.41
C LEU A 108 8.86 -5.37 34.87
N SER A 109 9.26 -6.64 35.01
CA SER A 109 9.57 -7.30 36.29
C SER A 109 9.65 -8.81 36.07
N LEU A 110 8.74 -9.33 35.26
CA LEU A 110 8.59 -10.77 35.03
C LEU A 110 8.79 -11.09 33.55
N ASP A 120 18.04 -2.21 35.85
CA ASP A 120 18.31 -0.79 36.06
C ASP A 120 17.20 0.05 35.41
N GLY A 121 16.96 1.25 35.95
CA GLY A 121 15.94 2.16 35.44
C GLY A 121 16.16 2.57 33.99
N ALA A 122 17.36 2.28 33.48
CA ALA A 122 17.69 2.45 32.07
C ALA A 122 16.86 1.51 31.19
N ARG A 123 16.58 0.32 31.72
CA ARG A 123 15.79 -0.69 31.01
C ARG A 123 14.32 -0.26 30.89
N ARG A 124 13.76 0.23 31.99
CA ARG A 124 12.39 0.72 32.02
C ARG A 124 12.20 1.88 31.04
N LYS A 125 13.20 2.76 30.97
CA LYS A 125 13.18 3.89 30.03
C LYS A 125 13.22 3.41 28.58
N ARG A 126 14.10 2.45 28.30
CA ARG A 126 14.26 1.88 26.97
C ARG A 126 13.02 1.08 26.54
N VAL A 127 12.55 0.18 27.41
CA VAL A 127 11.36 -0.64 27.12
C VAL A 127 10.14 0.25 26.84
N LEU A 128 9.90 1.27 27.67
CA LEU A 128 8.77 2.17 27.47
C LEU A 128 8.90 3.04 26.22
N HIS A 129 10.11 3.45 25.88
CA HIS A 129 10.31 4.18 24.63
C HIS A 129 10.05 3.29 23.40
N ASP A 130 10.52 2.05 23.46
CA ASP A 130 10.26 1.07 22.41
C ASP A 130 8.75 0.86 22.27
N ALA A 131 8.04 0.81 23.39
CA ALA A 131 6.60 0.59 23.38
C ALA A 131 5.91 1.78 22.70
N CYS A 132 6.39 2.97 23.00
CA CYS A 132 5.90 4.18 22.34
C CYS A 132 6.07 4.15 20.82
N VAL A 133 7.25 3.77 20.34
CA VAL A 133 7.47 3.67 18.87
C VAL A 133 6.55 2.61 18.23
N CYS A 134 6.47 1.43 18.84
CA CYS A 134 5.56 0.37 18.37
C CYS A 134 4.10 0.87 18.36
N GLY A 135 3.73 1.62 19.39
CA GLY A 135 2.40 2.19 19.51
C GLY A 135 2.10 3.09 18.34
N TRP A 136 3.05 3.95 17.97
CA TRP A 136 2.97 4.74 16.74
C TRP A 136 3.01 3.93 15.43
N MET A 137 3.80 2.85 15.37
CA MET A 137 3.69 1.91 14.23
C MET A 137 2.24 1.47 13.99
N ILE A 138 1.52 1.08 15.05
CA ILE A 138 0.12 0.65 14.89
C ILE A 138 -0.84 1.79 14.57
N GLU A 139 -0.61 2.96 15.19
CA GLU A 139 -1.44 4.14 14.92
C GLU A 139 -1.23 4.70 13.53
N PHE A 140 0.02 4.70 13.06
CA PHE A 140 0.32 5.03 11.67
C PHE A 140 -0.28 4.01 10.68
N LEU A 141 -0.24 2.72 11.06
CA LEU A 141 -0.85 1.64 10.24
C LEU A 141 -2.36 1.81 10.12
N GLN A 142 -3.02 2.07 11.24
CA GLN A 142 -4.43 2.39 11.20
C GLN A 142 -4.73 3.71 10.47
N ALA A 143 -3.87 4.72 10.65
CA ALA A 143 -3.97 5.92 9.82
C ALA A 143 -4.01 5.58 8.33
N HIS A 144 -3.08 4.75 7.89
CA HIS A 144 -3.06 4.22 6.52
C HIS A 144 -4.38 3.51 6.18
N TYR A 145 -4.79 2.57 7.03
CA TYR A 145 -6.07 1.88 6.80
C TYR A 145 -7.23 2.84 6.63
N LEU A 146 -7.37 3.79 7.56
CA LEU A 146 -8.50 4.73 7.50
C LEU A 146 -8.48 5.62 6.26
N VAL A 147 -7.31 6.09 5.83
CA VAL A 147 -7.27 6.90 4.60
C VAL A 147 -7.80 6.12 3.39
N GLU A 148 -7.31 4.90 3.24
CA GLU A 148 -7.74 4.07 2.11
C GLU A 148 -9.18 3.59 2.25
N ASP A 149 -9.59 3.21 3.47
CA ASP A 149 -10.92 2.67 3.72
C ASP A 149 -11.98 3.74 3.46
N ASP A 150 -11.68 4.98 3.85
CA ASP A 150 -12.59 6.09 3.64
C ASP A 150 -12.84 6.27 2.18
N ILE A 151 -11.81 6.12 1.35
CA ILE A 151 -12.01 6.12 -0.12
C ILE A 151 -12.88 4.94 -0.57
N MET A 152 -12.55 3.74 -0.12
CA MET A 152 -13.30 2.54 -0.52
C MET A 152 -14.77 2.59 -0.09
N ASP A 153 -15.04 3.23 1.06
CA ASP A 153 -16.36 3.21 1.67
C ASP A 153 -17.16 4.47 1.33
N ASN A 154 -16.53 5.36 0.56
CA ASN A 154 -17.15 6.62 0.14
C ASN A 154 -17.64 7.40 1.36
N SER A 155 -16.80 7.45 2.40
CA SER A 155 -17.21 8.16 3.62
C SER A 155 -17.03 9.67 3.46
N VAL A 156 -17.60 10.43 4.40
CA VAL A 156 -17.59 11.90 4.26
C VAL A 156 -16.78 12.59 5.35
N THR A 157 -16.93 12.12 6.60
CA THR A 157 -16.15 12.61 7.73
C THR A 157 -15.41 11.50 8.48
N ARG A 158 -14.42 11.90 9.27
CA ARG A 158 -13.64 11.01 10.11
C ARG A 158 -13.05 11.85 11.25
N ARG A 159 -13.14 11.36 12.48
CA ARG A 159 -12.61 12.05 13.67
C ARG A 159 -13.00 13.55 13.71
N GLY A 160 -14.23 13.85 13.33
CA GLY A 160 -14.75 15.22 13.34
C GLY A 160 -14.40 16.12 12.16
N LYS A 161 -13.55 15.65 11.26
CA LYS A 161 -13.11 16.46 10.12
C LYS A 161 -13.49 15.77 8.82
N PRO A 162 -13.36 16.46 7.67
CA PRO A 162 -13.51 15.64 6.47
C PRO A 162 -12.53 14.46 6.42
N CYS A 163 -12.91 13.41 5.70
CA CYS A 163 -11.98 12.32 5.39
C CYS A 163 -10.82 12.93 4.62
N TRP A 164 -9.64 12.33 4.71
CA TRP A 164 -8.47 12.87 4.03
C TRP A 164 -8.76 13.16 2.56
N TYR A 165 -9.29 12.17 1.86
CA TYR A 165 -9.58 12.31 0.44
C TYR A 165 -10.63 13.39 0.14
N ARG A 166 -11.38 13.78 1.17
CA ARG A 166 -12.42 14.81 1.00
C ARG A 166 -11.88 16.20 1.36
N HIS A 167 -10.62 16.28 1.79
CA HIS A 167 -10.02 17.59 2.05
C HIS A 167 -9.91 18.38 0.75
N PRO A 168 -10.33 19.66 0.78
CA PRO A 168 -10.38 20.56 -0.38
C PRO A 168 -9.18 20.51 -1.31
N ASP A 169 -7.95 20.52 -0.77
CA ASP A 169 -6.75 20.42 -1.63
C ASP A 169 -6.03 19.08 -1.61
N VAL A 170 -6.73 18.03 -1.25
CA VAL A 170 -6.20 16.70 -1.42
C VAL A 170 -7.00 16.07 -2.55
N THR A 171 -6.30 15.70 -3.62
CA THR A 171 -6.94 14.95 -4.71
C THR A 171 -7.04 13.48 -4.30
N VAL A 172 -8.00 12.76 -4.89
CA VAL A 172 -8.16 11.33 -4.57
C VAL A 172 -6.89 10.56 -4.94
N GLN A 173 -6.26 10.92 -6.06
CA GLN A 173 -5.00 10.30 -6.43
C GLN A 173 -3.89 10.59 -5.43
N CYS A 174 -3.84 11.81 -4.88
CA CYS A 174 -2.84 12.09 -3.86
C CYS A 174 -3.16 11.37 -2.56
N ALA A 175 -4.44 11.28 -2.25
CA ALA A 175 -4.90 10.62 -1.03
C ALA A 175 -4.52 9.14 -0.97
N ILE A 176 -4.69 8.41 -2.09
CA ILE A 176 -4.20 7.01 -2.21
C ILE A 176 -2.72 6.93 -1.89
N ASN A 177 -1.93 7.82 -2.52
CA ASN A 177 -0.50 7.86 -2.27
C ASN A 177 -0.14 8.27 -0.87
N ASP A 178 -0.83 9.29 -0.33
CA ASP A 178 -0.65 9.70 1.06
C ASP A 178 -0.89 8.52 2.03
N GLY A 179 -2.00 7.82 1.84
CA GLY A 179 -2.27 6.64 2.64
C GLY A 179 -1.16 5.59 2.58
N LEU A 180 -0.54 5.44 1.41
CA LEU A 180 0.55 4.48 1.27
C LEU A 180 1.87 4.96 1.89
N LEU A 181 2.10 6.26 1.86
CA LEU A 181 3.21 6.88 2.61
C LEU A 181 3.10 6.61 4.10
N LEU A 182 1.89 6.68 4.64
CA LEU A 182 1.66 6.34 6.05
C LEU A 182 2.18 4.93 6.44
N LYS A 183 1.90 3.92 5.61
CA LYS A 183 2.41 2.58 5.89
C LYS A 183 3.94 2.49 5.73
N SER A 184 4.47 3.16 4.70
CA SER A 184 5.90 3.22 4.52
C SER A 184 6.58 3.80 5.75
N TRP A 185 5.96 4.84 6.34
CA TRP A 185 6.48 5.38 7.60
C TRP A 185 6.55 4.39 8.75
N THR A 186 5.64 3.43 8.81
CA THR A 186 5.70 2.40 9.86
C THR A 186 6.97 1.57 9.80
N HIS A 187 7.43 1.30 8.59
CA HIS A 187 8.65 0.51 8.41
C HIS A 187 9.87 1.38 8.64
N MET A 188 9.85 2.60 8.09
CA MET A 188 10.96 3.54 8.32
C MET A 188 11.23 3.84 9.79
N MET A 189 10.17 4.06 10.57
CA MET A 189 10.34 4.27 12.02
C MET A 189 10.90 3.04 12.75
N ALA A 190 10.40 1.85 12.43
CA ALA A 190 10.91 0.61 13.03
C ALA A 190 12.39 0.45 12.76
N MET A 191 12.78 0.60 11.49
CA MET A 191 14.14 0.39 11.05
C MET A 191 15.13 1.38 11.69
N HIS A 192 14.68 2.63 11.87
CA HIS A 192 15.51 3.66 12.49
C HIS A 192 15.63 3.51 14.01
N PHE A 193 14.50 3.39 14.69
CA PHE A 193 14.48 3.33 16.16
C PHE A 193 14.90 1.97 16.69
N PHE A 194 14.70 0.90 15.93
CA PHE A 194 15.01 -0.43 16.44
C PHE A 194 16.18 -1.09 15.71
N ALA A 195 17.00 -0.27 15.05
CA ALA A 195 18.17 -0.76 14.30
C ALA A 195 19.03 -1.77 15.06
N ASP A 196 19.29 -1.55 16.35
CA ASP A 196 20.17 -2.42 17.12
C ASP A 196 19.44 -3.42 18.02
N ARG A 197 18.12 -3.47 17.93
CA ARG A 197 17.32 -4.43 18.69
C ARG A 197 17.31 -5.80 18.03
N PRO A 198 17.61 -6.86 18.79
CA PRO A 198 17.54 -8.23 18.27
C PRO A 198 16.14 -8.70 17.86
N PHE A 199 15.10 -8.10 18.46
CA PHE A 199 13.71 -8.45 18.15
C PHE A 199 13.18 -7.88 16.82
N LEU A 200 13.99 -7.05 16.17
CA LEU A 200 13.54 -6.30 15.01
C LEU A 200 12.94 -7.16 13.89
N GLN A 201 13.61 -8.26 13.53
CA GLN A 201 13.11 -9.14 12.48
C GLN A 201 11.76 -9.78 12.82
N ASP A 202 11.64 -10.34 14.02
CA ASP A 202 10.41 -10.98 14.51
C ASP A 202 9.26 -9.97 14.51
N LEU A 203 9.52 -8.79 15.08
CA LEU A 203 8.59 -7.67 15.11
C LEU A 203 8.01 -7.40 13.72
N LEU A 204 8.89 -7.10 12.77
CA LEU A 204 8.47 -6.78 11.40
C LEU A 204 7.81 -7.95 10.70
N CYS A 205 8.31 -9.16 10.96
CA CYS A 205 7.67 -10.35 10.40
C CYS A 205 6.21 -10.44 10.88
N ARG A 206 5.97 -10.18 12.15
CA ARG A 206 4.64 -10.28 12.73
C ARG A 206 3.71 -9.12 12.31
N PHE A 207 4.28 -7.91 12.24
CA PHE A 207 3.55 -6.70 11.81
C PHE A 207 3.03 -6.91 10.39
N ASN A 208 3.91 -7.29 9.48
CA ASN A 208 3.58 -7.58 8.10
C ASN A 208 2.54 -8.66 7.88
N ARG A 209 2.60 -9.73 8.68
CA ARG A 209 1.60 -10.80 8.59
C ARG A 209 0.24 -10.28 8.99
N VAL A 210 0.20 -9.50 10.07
CA VAL A 210 -1.05 -8.87 10.52
C VAL A 210 -1.60 -7.93 9.46
N ASP A 211 -0.73 -7.12 8.85
CA ASP A 211 -1.14 -6.18 7.80
C ASP A 211 -1.75 -6.92 6.58
N TYR A 212 -1.05 -7.97 6.13
CA TYR A 212 -1.55 -8.92 5.14
C TYR A 212 -2.93 -9.46 5.48
N THR A 213 -3.10 -9.87 6.72
CA THR A 213 -4.35 -10.44 7.22
C THR A 213 -5.52 -9.45 7.11
N THR A 214 -5.21 -8.18 7.44
CA THR A 214 -6.18 -7.09 7.42
C THR A 214 -6.59 -6.80 5.99
N ALA A 215 -5.62 -6.81 5.06
CA ALA A 215 -5.88 -6.62 3.64
C ALA A 215 -6.79 -7.71 3.07
N VAL A 216 -6.55 -8.96 3.48
CA VAL A 216 -7.42 -10.08 3.12
C VAL A 216 -8.83 -9.87 3.72
N GLY A 217 -8.90 -9.39 4.96
CA GLY A 217 -10.18 -9.05 5.61
C GLY A 217 -10.93 -7.94 4.87
N GLN A 218 -10.18 -6.92 4.43
CA GLN A 218 -10.74 -5.83 3.62
C GLN A 218 -11.31 -6.32 2.30
N LEU A 219 -10.62 -7.28 1.64
CA LEU A 219 -11.16 -7.97 0.50
C LEU A 219 -12.51 -8.66 0.79
N TYR A 220 -12.59 -9.40 1.90
CA TYR A 220 -13.86 -10.00 2.35
C TYR A 220 -14.98 -8.94 2.54
N ASP A 221 -14.59 -7.78 3.04
CA ASP A 221 -15.54 -6.68 3.31
C ASP A 221 -16.08 -6.09 2.03
N VAL A 222 -15.16 -5.79 1.12
CA VAL A 222 -15.47 -5.03 -0.06
C VAL A 222 -16.14 -5.87 -1.17
N THR A 223 -16.02 -7.20 -1.07
CA THR A 223 -16.70 -8.11 -2.00
C THR A 223 -17.87 -8.85 -1.34
N SER A 224 -18.30 -8.42 -0.16
CA SER A 224 -19.35 -9.14 0.58
C SER A 224 -20.78 -8.98 0.02
N MET A 225 -20.98 -7.95 -0.79
CA MET A 225 -22.30 -7.65 -1.34
C MET A 225 -22.43 -8.09 -2.81
N PHE A 226 -21.46 -8.87 -3.27
CA PHE A 226 -21.52 -9.50 -4.59
C PHE A 226 -21.60 -11.02 -4.44
N ASP A 227 -22.44 -11.66 -5.25
CA ASP A 227 -22.54 -13.11 -5.27
C ASP A 227 -21.16 -13.66 -5.65
N SER A 228 -20.50 -14.32 -4.71
CA SER A 228 -19.11 -14.78 -4.92
C SER A 228 -18.99 -15.84 -6.03
N ASN A 229 -20.10 -16.54 -6.31
CA ASN A 229 -20.13 -17.51 -7.42
C ASN A 229 -19.99 -16.80 -8.79
N LYS A 230 -20.40 -15.53 -8.83
CA LYS A 230 -20.36 -14.75 -10.06
C LYS A 230 -19.17 -13.78 -10.08
N LEU A 231 -18.29 -13.89 -9.09
CA LEU A 231 -17.08 -13.05 -9.02
C LEU A 231 -16.15 -13.34 -10.20
N ASP A 232 -15.95 -12.35 -11.07
CA ASP A 232 -15.21 -12.56 -12.31
C ASP A 232 -14.79 -11.22 -12.90
N PRO A 233 -13.46 -10.97 -12.96
CA PRO A 233 -12.91 -9.67 -13.43
C PRO A 233 -13.46 -9.21 -14.78
N ASP A 234 -13.71 -10.16 -15.68
CA ASP A 234 -14.11 -9.85 -17.05
C ASP A 234 -15.58 -9.48 -17.23
N VAL A 235 -16.40 -9.72 -16.20
CA VAL A 235 -17.85 -9.60 -16.33
C VAL A 235 -18.45 -8.78 -15.18
N SER A 236 -19.15 -7.70 -15.49
CA SER A 236 -19.77 -6.89 -14.43
C SER A 236 -20.88 -7.65 -13.70
N GLN A 237 -21.14 -7.25 -12.47
CA GLN A 237 -22.21 -7.84 -11.65
C GLN A 237 -22.74 -6.83 -10.66
N PRO A 238 -24.07 -6.72 -10.56
CA PRO A 238 -24.66 -5.75 -9.63
C PRO A 238 -24.59 -6.30 -8.20
N THR A 239 -24.89 -5.45 -7.23
CA THR A 239 -25.06 -5.88 -5.85
C THR A 239 -25.96 -7.12 -5.83
N THR A 240 -25.67 -8.03 -4.89
CA THR A 240 -26.52 -9.21 -4.68
C THR A 240 -27.97 -8.81 -4.45
N THR A 241 -28.90 -9.61 -4.98
CA THR A 241 -30.33 -9.37 -4.75
C THR A 241 -30.95 -10.35 -3.76
N ASP A 242 -30.37 -11.55 -3.64
CA ASP A 242 -30.87 -12.55 -2.68
C ASP A 242 -30.20 -12.52 -1.29
N PHE A 243 -29.09 -11.78 -1.17
CA PHE A 243 -28.34 -11.66 0.10
C PHE A 243 -28.02 -12.99 0.76
N ALA A 244 -27.89 -14.05 -0.04
CA ALA A 244 -27.72 -15.40 0.49
C ALA A 244 -26.41 -15.59 1.25
N GLU A 245 -25.42 -14.74 0.95
CA GLU A 245 -24.11 -14.82 1.61
C GLU A 245 -24.00 -13.90 2.84
N PHE A 246 -25.08 -13.18 3.15
CA PHE A 246 -25.14 -12.34 4.37
C PHE A 246 -25.44 -13.22 5.59
N THR A 247 -24.52 -14.13 5.89
CA THR A 247 -24.70 -15.09 6.99
C THR A 247 -23.79 -14.67 8.13
N LEU A 248 -24.05 -15.20 9.32
CA LEU A 248 -23.23 -14.90 10.48
C LEU A 248 -21.83 -15.49 10.32
N SER A 249 -21.76 -16.61 9.62
CA SER A 249 -20.47 -17.26 9.37
C SER A 249 -19.58 -16.39 8.50
N ASN A 250 -20.15 -15.83 7.44
CA ASN A 250 -19.44 -14.94 6.55
C ASN A 250 -19.10 -13.63 7.23
N TYR A 251 -19.98 -13.17 8.10
CA TYR A 251 -19.72 -11.99 8.92
C TYR A 251 -18.54 -12.18 9.87
N LYS A 252 -18.51 -13.31 10.56
CA LYS A 252 -17.43 -13.58 11.51
C LYS A 252 -16.07 -13.63 10.82
N ARG A 253 -16.04 -14.09 9.57
CA ARG A 253 -14.81 -14.15 8.82
C ARG A 253 -14.33 -12.74 8.41
N ILE A 254 -15.21 -11.91 7.87
CA ILE A 254 -14.82 -10.54 7.51
C ILE A 254 -14.11 -9.87 8.67
N VAL A 255 -14.75 -9.97 9.82
CA VAL A 255 -14.47 -9.19 11.00
C VAL A 255 -13.19 -9.69 11.72
N LYS A 256 -13.03 -11.01 11.76
CA LYS A 256 -11.82 -11.60 12.34
C LYS A 256 -10.59 -11.09 11.58
N TYR A 257 -10.71 -11.06 10.26
CA TYR A 257 -9.62 -10.69 9.39
C TYR A 257 -9.43 -9.15 9.26
N LYS A 258 -10.50 -8.40 9.01
CA LYS A 258 -10.35 -6.95 8.80
C LYS A 258 -10.11 -6.18 10.07
N THR A 259 -10.54 -6.68 11.22
CA THR A 259 -10.43 -5.91 12.47
C THR A 259 -9.60 -6.52 13.63
N ALA A 260 -9.83 -7.80 13.94
CA ALA A 260 -9.36 -8.41 15.19
C ALA A 260 -7.83 -8.56 15.34
N TYR A 261 -7.16 -8.89 14.24
CA TYR A 261 -5.73 -9.10 14.29
C TYR A 261 -4.97 -7.81 14.58
N TYR A 262 -5.27 -6.75 13.84
CA TYR A 262 -4.50 -5.53 14.03
C TYR A 262 -4.98 -4.66 15.18
N THR A 263 -6.25 -4.80 15.56
CA THR A 263 -6.83 -3.97 16.62
C THR A 263 -6.56 -4.56 17.99
N TYR A 264 -6.58 -5.90 18.10
CA TYR A 264 -6.44 -6.58 19.38
C TYR A 264 -5.16 -7.41 19.56
N LEU A 265 -4.85 -8.32 18.62
CA LEU A 265 -3.67 -9.16 18.73
C LEU A 265 -2.37 -8.37 18.63
N LEU A 266 -2.29 -7.47 17.63
CA LEU A 266 -1.05 -6.77 17.33
C LEU A 266 -0.56 -5.89 18.48
N PRO A 267 -1.44 -5.05 19.08
CA PRO A 267 -0.97 -4.26 20.22
C PRO A 267 -0.44 -5.11 21.38
N LEU A 268 -1.13 -6.21 21.68
CA LEU A 268 -0.71 -7.14 22.73
C LEU A 268 0.64 -7.78 22.41
N VAL A 269 0.81 -8.23 21.18
CA VAL A 269 2.01 -8.96 20.78
C VAL A 269 3.24 -8.05 20.80
N MET A 270 3.07 -6.84 20.28
CA MET A 270 4.12 -5.82 20.27
C MET A 270 4.53 -5.39 21.69
N GLY A 271 3.58 -5.38 22.62
CA GLY A 271 3.85 -5.07 24.02
C GLY A 271 4.71 -6.14 24.65
N LEU A 272 4.38 -7.39 24.36
CA LEU A 272 5.16 -8.56 24.76
C LEU A 272 6.58 -8.59 24.18
N ILE A 273 6.72 -8.14 22.94
CA ILE A 273 8.01 -8.13 22.23
C ILE A 273 9.00 -7.10 22.79
N VAL A 274 8.55 -5.85 22.94
CA VAL A 274 9.40 -4.80 23.51
C VAL A 274 9.79 -5.09 24.96
N SER A 275 8.98 -5.94 25.61
CA SER A 275 9.15 -6.42 26.98
C SER A 275 10.07 -7.63 27.05
N GLU A 276 10.35 -8.22 25.89
CA GLU A 276 11.11 -9.47 25.80
C GLU A 276 10.39 -10.59 26.57
N ALA A 277 9.06 -10.55 26.53
CA ALA A 277 8.19 -11.40 27.34
C ALA A 277 7.25 -12.30 26.51
N LEU A 278 7.47 -12.41 25.21
CA LEU A 278 6.56 -13.16 24.35
C LEU A 278 6.44 -14.66 24.69
N PRO A 279 7.56 -15.36 24.90
CA PRO A 279 7.43 -16.80 25.17
C PRO A 279 6.80 -17.14 26.52
N THR A 280 6.57 -16.14 27.37
CA THR A 280 6.08 -16.40 28.73
C THR A 280 4.56 -16.57 28.81
N VAL A 281 3.85 -16.20 27.75
CA VAL A 281 2.38 -16.29 27.76
C VAL A 281 1.81 -17.44 26.92
N ASP A 282 0.57 -17.80 27.23
CA ASP A 282 -0.21 -18.75 26.43
C ASP A 282 -0.76 -18.04 25.20
N MET A 283 -0.10 -18.22 24.06
CA MET A 283 -0.45 -17.56 22.80
C MET A 283 -1.74 -18.11 22.17
N GLY A 284 -2.09 -19.35 22.51
CA GLY A 284 -3.37 -19.93 22.10
C GLY A 284 -4.52 -19.20 22.78
N VAL A 285 -4.43 -19.09 24.10
CA VAL A 285 -5.42 -18.37 24.90
C VAL A 285 -5.44 -16.90 24.48
N THR A 286 -4.26 -16.31 24.30
CA THR A 286 -4.12 -14.90 23.92
C THR A 286 -4.81 -14.56 22.59
N GLU A 287 -4.61 -15.41 21.59
CA GLU A 287 -5.26 -15.25 20.30
C GLU A 287 -6.79 -15.43 20.41
N GLU A 288 -7.23 -16.42 21.18
CA GLU A 288 -8.67 -16.60 21.46
C GLU A 288 -9.31 -15.31 21.96
N LEU A 289 -8.67 -14.68 22.94
CA LEU A 289 -9.16 -13.41 23.53
C LEU A 289 -9.21 -12.29 22.50
N ALA A 290 -8.14 -12.15 21.72
CA ALA A 290 -8.04 -11.12 20.70
C ALA A 290 -9.12 -11.24 19.64
N MET A 291 -9.38 -12.48 19.20
CA MET A 291 -10.37 -12.76 18.17
C MET A 291 -11.77 -12.43 18.68
N LEU A 292 -12.02 -12.75 19.94
CA LEU A 292 -13.32 -12.57 20.57
C LEU A 292 -13.60 -11.10 20.85
N MET A 293 -12.63 -10.43 21.47
CA MET A 293 -12.71 -9.00 21.71
C MET A 293 -12.80 -8.23 20.39
N GLY A 294 -12.01 -8.65 19.40
CA GLY A 294 -12.00 -8.01 18.09
C GLY A 294 -13.32 -8.14 17.33
N GLU A 295 -13.93 -9.32 17.40
CA GLU A 295 -15.24 -9.48 16.79
C GLU A 295 -16.27 -8.58 17.46
N TYR A 296 -16.27 -8.59 18.79
CA TYR A 296 -17.19 -7.78 19.57
C TYR A 296 -16.98 -6.30 19.30
N PHE A 297 -15.72 -5.86 19.19
CA PHE A 297 -15.41 -4.46 18.86
C PHE A 297 -16.05 -4.00 17.53
N GLN A 298 -16.02 -4.88 16.54
CA GLN A 298 -16.52 -4.59 15.22
C GLN A 298 -18.04 -4.67 15.15
N VAL A 299 -18.61 -5.54 15.98
CA VAL A 299 -20.08 -5.57 16.13
C VAL A 299 -20.53 -4.22 16.67
N GLN A 300 -19.87 -3.73 17.72
CA GLN A 300 -20.09 -2.37 18.26
C GLN A 300 -19.99 -1.29 17.18
N ASP A 301 -18.92 -1.34 16.38
CA ASP A 301 -18.71 -0.39 15.30
C ASP A 301 -19.86 -0.38 14.28
N ASP A 302 -20.29 -1.57 13.88
CA ASP A 302 -21.41 -1.71 12.96
C ASP A 302 -22.71 -1.14 13.55
N VAL A 303 -22.95 -1.45 14.82
CA VAL A 303 -24.15 -0.97 15.52
C VAL A 303 -24.13 0.56 15.66
N MET A 304 -22.98 1.11 16.01
CA MET A 304 -22.84 2.57 16.12
C MET A 304 -23.02 3.27 14.79
N ASP A 305 -22.57 2.63 13.71
CA ASP A 305 -22.70 3.16 12.35
C ASP A 305 -24.15 3.51 12.03
N CYS A 306 -25.05 2.63 12.46
CA CYS A 306 -26.48 2.80 12.22
C CYS A 306 -27.16 3.68 13.28
N PHE A 307 -26.80 3.49 14.54
CA PHE A 307 -27.60 4.02 15.65
C PHE A 307 -27.01 5.19 16.44
N THR A 308 -25.70 5.38 16.35
CA THR A 308 -25.07 6.47 17.10
C THR A 308 -25.04 7.77 16.29
N PRO A 309 -25.61 8.85 16.86
CA PRO A 309 -25.52 10.16 16.20
C PRO A 309 -24.07 10.47 15.84
N PRO A 310 -23.83 10.94 14.59
CA PRO A 310 -22.50 11.25 14.05
C PRO A 310 -21.67 12.24 14.89
N GLU A 311 -22.35 13.18 15.55
CA GLU A 311 -21.70 14.19 16.39
C GLU A 311 -20.89 13.54 17.51
N ARG A 312 -21.39 12.42 18.01
CA ARG A 312 -20.75 11.69 19.09
C ARG A 312 -19.59 10.85 18.54
N LEU A 313 -19.76 10.32 17.34
CA LEU A 313 -18.80 9.36 16.78
C LEU A 313 -17.69 10.07 15.98
N GLY A 314 -18.01 11.23 15.42
CA GLY A 314 -17.06 11.99 14.61
C GLY A 314 -17.15 11.68 13.14
N LYS A 315 -17.93 10.66 12.80
CA LYS A 315 -18.07 10.20 11.43
C LYS A 315 -19.53 9.92 11.07
N VAL A 316 -19.85 10.00 9.78
CA VAL A 316 -21.18 9.65 9.30
C VAL A 316 -21.19 8.21 8.77
N GLY A 317 -22.21 7.44 9.15
CA GLY A 317 -22.32 6.03 8.79
C GLY A 317 -22.67 5.78 7.34
N THR A 318 -22.00 4.79 6.74
CA THR A 318 -22.20 4.45 5.33
C THR A 318 -22.61 3.00 5.06
N ASP A 319 -22.74 2.18 6.11
CA ASP A 319 -22.88 0.73 5.93
C ASP A 319 -24.15 0.37 5.15
N ILE A 320 -25.27 0.96 5.52
CA ILE A 320 -26.51 0.73 4.78
C ILE A 320 -26.33 1.08 3.29
N GLN A 321 -25.95 2.34 3.03
CA GLN A 321 -25.70 2.86 1.68
C GLN A 321 -24.71 1.98 0.87
N ASP A 322 -23.65 1.52 1.53
CA ASP A 322 -22.63 0.68 0.85
C ASP A 322 -23.03 -0.79 0.73
N ALA A 323 -24.18 -1.13 1.28
CA ALA A 323 -24.66 -2.54 1.34
C ALA A 323 -23.69 -3.47 2.06
N LYS A 324 -23.13 -3.00 3.18
CA LYS A 324 -22.18 -3.78 3.95
C LYS A 324 -22.86 -4.97 4.62
N CYS A 325 -22.12 -6.09 4.63
CA CYS A 325 -22.45 -7.27 5.43
C CYS A 325 -22.10 -6.97 6.88
N SER A 326 -22.92 -6.12 7.50
CA SER A 326 -22.72 -5.75 8.89
C SER A 326 -23.33 -6.78 9.84
N TRP A 327 -23.07 -6.62 11.14
CA TRP A 327 -23.70 -7.48 12.14
C TRP A 327 -25.20 -7.30 12.10
N LEU A 328 -25.65 -6.06 11.97
CA LEU A 328 -27.08 -5.78 11.92
C LEU A 328 -27.76 -6.51 10.77
N ALA A 329 -27.16 -6.45 9.59
CA ALA A 329 -27.72 -7.07 8.40
C ALA A 329 -27.86 -8.59 8.51
N VAL A 330 -26.81 -9.26 8.97
CA VAL A 330 -26.83 -10.73 9.07
C VAL A 330 -27.83 -11.19 10.11
N THR A 331 -27.90 -10.47 11.25
CA THR A 331 -28.75 -10.84 12.37
C THR A 331 -30.23 -10.54 12.05
N PHE A 332 -30.48 -9.44 11.37
CA PHE A 332 -31.83 -9.16 10.85
C PHE A 332 -32.30 -10.27 9.90
N LEU A 333 -31.53 -10.53 8.84
CA LEU A 333 -31.94 -11.50 7.84
C LEU A 333 -32.11 -12.94 8.35
N ALA A 334 -31.34 -13.32 9.36
CA ALA A 334 -31.41 -14.66 9.93
C ALA A 334 -32.74 -14.92 10.64
N LYS A 335 -33.30 -13.88 11.24
CA LYS A 335 -34.54 -13.98 12.01
C LYS A 335 -35.77 -13.33 11.36
N ALA A 336 -35.55 -12.60 10.26
CA ALA A 336 -36.63 -11.81 9.65
C ALA A 336 -37.69 -12.67 8.94
N SER A 337 -38.93 -12.18 8.93
CA SER A 337 -39.97 -12.83 8.16
C SER A 337 -39.73 -12.54 6.69
N SER A 338 -40.45 -13.19 5.78
CA SER A 338 -40.29 -12.95 4.34
C SER A 338 -40.70 -11.54 3.93
N ALA A 339 -41.74 -11.01 4.58
CA ALA A 339 -42.19 -9.64 4.31
C ALA A 339 -41.13 -8.62 4.71
N GLN A 340 -40.53 -8.80 5.88
CA GLN A 340 -39.44 -7.94 6.35
C GLN A 340 -38.19 -8.04 5.47
N VAL A 341 -37.89 -9.24 5.00
CA VAL A 341 -36.76 -9.43 4.09
C VAL A 341 -37.02 -8.73 2.75
N ALA A 342 -38.26 -8.81 2.27
CA ALA A 342 -38.66 -8.11 1.05
C ALA A 342 -38.46 -6.59 1.17
N GLU A 343 -38.97 -5.99 2.24
CA GLU A 343 -38.78 -4.56 2.52
C GLU A 343 -37.30 -4.16 2.52
N PHE A 344 -36.49 -4.90 3.29
CA PHE A 344 -35.03 -4.71 3.37
C PHE A 344 -34.38 -4.72 1.98
N LYS A 345 -34.70 -5.72 1.19
CA LYS A 345 -34.12 -5.88 -0.15
C LYS A 345 -34.40 -4.68 -1.04
N ALA A 346 -35.60 -4.12 -0.90
CA ALA A 346 -36.04 -3.00 -1.73
C ALA A 346 -35.51 -1.66 -1.24
N ASN A 347 -34.87 -1.66 -0.07
CA ASN A 347 -34.35 -0.44 0.54
C ASN A 347 -32.83 -0.41 0.81
N TYR A 348 -32.19 -1.59 0.79
CA TYR A 348 -30.76 -1.69 1.15
C TYR A 348 -29.81 -1.32 0.01
N GLY A 349 -28.72 -0.64 0.36
CA GLY A 349 -27.69 -0.28 -0.62
C GLY A 349 -28.06 0.91 -1.49
N SER A 350 -28.73 1.89 -0.90
CA SER A 350 -29.13 3.08 -1.64
C SER A 350 -28.83 4.30 -0.80
N GLY A 351 -28.44 5.39 -1.47
CA GLY A 351 -28.13 6.64 -0.80
C GLY A 351 -29.35 7.36 -0.25
N ASP A 352 -30.50 7.13 -0.88
CA ASP A 352 -31.76 7.77 -0.53
C ASP A 352 -32.10 7.69 0.96
N SER A 353 -32.17 8.84 1.61
CA SER A 353 -32.35 8.96 3.07
C SER A 353 -33.57 8.26 3.68
N GLU A 354 -34.69 8.22 2.95
CA GLU A 354 -35.90 7.56 3.45
C GLU A 354 -35.77 6.03 3.42
N LYS A 355 -35.11 5.53 2.37
CA LYS A 355 -34.77 4.10 2.25
C LYS A 355 -33.86 3.66 3.39
N VAL A 356 -32.85 4.49 3.68
CA VAL A 356 -31.93 4.28 4.80
C VAL A 356 -32.69 4.30 6.14
N ALA A 357 -33.64 5.22 6.27
CA ALA A 357 -34.48 5.30 7.46
C ALA A 357 -35.40 4.08 7.60
N THR A 358 -35.82 3.53 6.47
CA THR A 358 -36.66 2.32 6.44
C THR A 358 -35.89 1.09 6.94
N VAL A 359 -34.64 0.94 6.50
CA VAL A 359 -33.75 -0.13 7.00
C VAL A 359 -33.56 -0.02 8.52
N ARG A 360 -33.23 1.18 9.00
CA ARG A 360 -33.09 1.46 10.43
C ARG A 360 -34.36 1.08 11.21
N ARG A 361 -35.50 1.45 10.66
CA ARG A 361 -36.83 1.08 11.18
C ARG A 361 -36.97 -0.43 11.28
N LEU A 362 -36.61 -1.13 10.20
CA LEU A 362 -36.66 -2.60 10.18
C LEU A 362 -35.80 -3.23 11.28
N TYR A 363 -34.57 -2.71 11.46
CA TYR A 363 -33.66 -3.21 12.50
C TYR A 363 -34.26 -3.11 13.91
N GLU A 364 -34.84 -1.97 14.24
CA GLU A 364 -35.40 -1.76 15.59
C GLU A 364 -36.77 -2.42 15.79
N GLU A 365 -37.42 -2.77 14.69
CA GLU A 365 -38.67 -3.54 14.76
C GLU A 365 -38.43 -5.03 14.98
N ALA A 366 -37.30 -5.53 14.47
CA ALA A 366 -36.92 -6.93 14.63
C ALA A 366 -36.19 -7.19 15.95
N ASP A 367 -36.21 -6.21 16.85
CA ASP A 367 -35.57 -6.31 18.17
C ASP A 367 -34.09 -6.69 18.09
N LEU A 368 -33.33 -5.89 17.36
CA LEU A 368 -31.89 -6.13 17.23
C LEU A 368 -31.17 -5.79 18.54
N GLN A 369 -31.69 -4.80 19.28
CA GLN A 369 -31.10 -4.46 20.59
C GLN A 369 -31.23 -5.62 21.59
N GLY A 370 -32.28 -6.42 21.43
CA GLY A 370 -32.44 -7.64 22.22
C GLY A 370 -31.32 -8.60 21.94
N ASP A 371 -31.06 -8.85 20.66
CA ASP A 371 -30.00 -9.76 20.23
C ASP A 371 -28.62 -9.24 20.64
N TYR A 372 -28.44 -7.92 20.60
CA TYR A 372 -27.14 -7.31 20.88
C TYR A 372 -26.76 -7.39 22.36
N VAL A 373 -27.72 -7.15 23.25
CA VAL A 373 -27.51 -7.30 24.69
C VAL A 373 -27.11 -8.73 25.05
N ALA A 374 -27.77 -9.70 24.43
CA ALA A 374 -27.50 -11.12 24.65
C ALA A 374 -26.16 -11.57 24.07
N TYR A 375 -25.78 -10.95 22.95
CA TYR A 375 -24.49 -11.24 22.33
C TYR A 375 -23.35 -10.80 23.25
N GLU A 376 -23.47 -9.56 23.71
CA GLU A 376 -22.49 -8.91 24.57
C GLU A 376 -22.29 -9.68 25.87
N ALA A 377 -23.38 -10.21 26.41
CA ALA A 377 -23.35 -10.95 27.66
C ALA A 377 -22.61 -12.26 27.44
N ALA A 378 -22.88 -12.90 26.31
CA ALA A 378 -22.18 -14.13 25.93
C ALA A 378 -20.68 -13.89 25.72
N VAL A 379 -20.34 -12.74 25.14
CA VAL A 379 -18.93 -12.37 24.92
C VAL A 379 -18.24 -12.09 26.26
N ALA A 380 -18.83 -11.19 27.06
CA ALA A 380 -18.30 -10.88 28.39
C ALA A 380 -17.98 -12.15 29.17
N GLU A 381 -18.93 -13.10 29.15
CA GLU A 381 -18.77 -14.39 29.81
C GLU A 381 -17.50 -15.11 29.37
N GLN A 382 -17.34 -15.30 28.06
CA GLN A 382 -16.21 -16.03 27.51
C GLN A 382 -14.89 -15.30 27.69
N VAL A 383 -14.93 -13.98 27.59
CA VAL A 383 -13.77 -13.13 27.85
C VAL A 383 -13.32 -13.27 29.31
N LYS A 384 -14.26 -13.14 30.24
CA LYS A 384 -13.98 -13.29 31.68
C LYS A 384 -13.27 -14.60 32.00
N GLU A 385 -13.73 -15.68 31.37
CA GLU A 385 -13.15 -17.01 31.52
C GLU A 385 -11.72 -17.12 31.00
N LEU A 386 -11.47 -16.57 29.81
CA LEU A 386 -10.16 -16.70 29.16
C LEU A 386 -9.07 -15.90 29.86
N ILE A 387 -9.44 -14.74 30.40
CA ILE A 387 -8.51 -13.92 31.17
C ILE A 387 -8.00 -14.70 32.40
N GLU A 388 -8.88 -15.46 33.04
CA GLU A 388 -8.50 -16.29 34.18
C GLU A 388 -7.52 -17.38 33.78
N LYS A 389 -7.79 -18.06 32.66
CA LYS A 389 -6.87 -19.06 32.12
C LYS A 389 -5.49 -18.46 31.91
N LEU A 390 -5.46 -17.18 31.52
CA LEU A 390 -4.24 -16.45 31.25
C LEU A 390 -3.58 -16.03 32.57
N ARG A 391 -4.40 -15.56 33.52
CA ARG A 391 -3.95 -15.12 34.83
C ARG A 391 -3.12 -16.17 35.58
N LEU A 392 -3.48 -17.44 35.40
CA LEU A 392 -2.79 -18.57 36.05
C LEU A 392 -1.28 -18.60 35.85
N CYS A 393 -0.82 -18.26 34.65
CA CYS A 393 0.62 -18.29 34.34
C CYS A 393 1.21 -16.90 34.01
N SER A 394 0.35 -15.96 33.66
CA SER A 394 0.79 -14.61 33.28
C SER A 394 -0.08 -13.54 33.96
N PRO A 395 0.07 -13.37 35.29
CA PRO A 395 -0.77 -12.44 36.05
C PRO A 395 -0.69 -10.99 35.56
N GLY A 396 0.52 -10.55 35.20
CA GLY A 396 0.74 -9.19 34.71
C GLY A 396 0.13 -8.93 33.35
N PHE A 397 0.29 -9.90 32.45
CA PHE A 397 -0.24 -9.79 31.08
C PHE A 397 -1.77 -9.82 31.11
N ALA A 398 -2.33 -10.73 31.91
CA ALA A 398 -3.79 -10.84 32.07
C ALA A 398 -4.38 -9.52 32.52
N ALA A 399 -3.69 -8.85 33.44
CA ALA A 399 -4.10 -7.53 33.92
C ALA A 399 -4.18 -6.48 32.81
N SER A 400 -3.21 -6.50 31.90
CA SER A 400 -3.25 -5.58 30.75
C SER A 400 -4.38 -5.90 29.78
N VAL A 401 -4.62 -7.20 29.58
CA VAL A 401 -5.73 -7.69 28.74
C VAL A 401 -7.06 -7.27 29.38
N GLU A 402 -7.15 -7.43 30.70
CA GLU A 402 -8.32 -7.00 31.45
C GLU A 402 -8.57 -5.49 31.31
N THR A 403 -7.50 -4.70 31.29
CA THR A 403 -7.63 -3.26 31.08
C THR A 403 -8.13 -2.96 29.68
N LEU A 404 -7.64 -3.73 28.69
CA LEU A 404 -8.04 -3.55 27.31
C LEU A 404 -9.52 -3.89 27.14
N TRP A 405 -9.96 -4.97 27.80
CA TRP A 405 -11.37 -5.34 27.82
C TRP A 405 -12.22 -4.22 28.41
N GLY A 406 -11.73 -3.61 29.49
CA GLY A 406 -12.41 -2.50 30.15
C GLY A 406 -12.61 -1.33 29.22
N LYS A 407 -11.66 -1.16 28.29
CA LYS A 407 -11.75 -0.14 27.24
C LYS A 407 -12.76 -0.49 26.14
N THR A 408 -13.18 -1.75 26.10
CA THR A 408 -14.01 -2.24 24.99
C THR A 408 -15.48 -2.44 25.37
N TYR A 409 -15.70 -3.20 26.44
CA TYR A 409 -17.01 -3.50 26.99
C TYR A 409 -17.85 -2.24 27.20
N LYS A 410 -19.06 -2.27 26.64
CA LYS A 410 -20.04 -1.17 26.70
C LYS A 410 -19.46 0.22 26.36
N ARG A 411 -18.52 0.24 25.42
CA ARG A 411 -17.93 1.48 24.96
C ARG A 411 -19.00 2.33 24.28
N GLN A 412 -18.83 3.65 24.38
CA GLN A 412 -19.76 4.59 23.79
C GLN A 412 -19.00 5.27 22.65
N LYS A 413 -17.67 5.17 22.74
CA LYS A 413 -16.68 5.74 21.82
C LYS A 413 -17.05 7.06 21.14
N MET B 47 15.81 -19.93 -22.17
CA MET B 47 16.03 -20.61 -20.85
C MET B 47 15.64 -19.72 -19.65
N PRO B 48 16.15 -18.47 -19.58
CA PRO B 48 15.80 -17.64 -18.42
C PRO B 48 14.28 -17.59 -18.14
N MET B 49 13.49 -17.43 -19.21
CA MET B 49 12.03 -17.37 -19.12
C MET B 49 11.39 -18.67 -18.63
N GLN B 50 11.91 -19.80 -19.12
CA GLN B 50 11.46 -21.14 -18.70
C GLN B 50 11.50 -21.32 -17.17
N MET B 51 12.66 -21.02 -16.59
CA MET B 51 12.90 -21.15 -15.15
C MET B 51 12.10 -20.10 -14.35
N PHE B 52 12.10 -18.86 -14.85
CA PHE B 52 11.36 -17.73 -14.28
C PHE B 52 9.89 -18.09 -14.17
N MET B 53 9.32 -18.58 -15.28
CA MET B 53 7.90 -18.95 -15.32
C MET B 53 7.54 -20.16 -14.47
N GLN B 54 8.48 -21.10 -14.31
CA GLN B 54 8.29 -22.21 -13.38
C GLN B 54 8.20 -21.70 -11.93
N VAL B 55 9.02 -20.70 -11.60
CA VAL B 55 9.05 -20.12 -10.24
C VAL B 55 7.80 -19.31 -9.98
N TYR B 56 7.28 -18.64 -11.02
CA TYR B 56 5.98 -18.00 -10.92
C TYR B 56 4.92 -18.95 -10.38
N ASP B 57 4.75 -20.12 -10.99
CA ASP B 57 3.79 -21.13 -10.52
C ASP B 57 4.04 -21.58 -9.09
N GLU B 58 5.32 -21.79 -8.75
CA GLU B 58 5.71 -22.07 -7.38
C GLU B 58 5.24 -20.99 -6.36
N ILE B 59 5.50 -19.73 -6.70
CA ILE B 59 5.07 -18.60 -5.86
C ILE B 59 3.53 -18.52 -5.82
N GLN B 60 2.89 -18.62 -6.98
CA GLN B 60 1.43 -18.55 -7.04
C GLN B 60 0.80 -19.64 -6.15
N MET B 61 1.33 -20.85 -6.25
CA MET B 61 0.82 -21.95 -5.44
C MET B 61 1.01 -21.73 -3.94
N PHE B 62 2.18 -21.25 -3.54
CA PHE B 62 2.40 -20.97 -2.13
C PHE B 62 1.36 -19.93 -1.67
N LEU B 63 1.23 -18.86 -2.44
CA LEU B 63 0.36 -17.74 -2.04
C LEU B 63 -1.10 -18.18 -1.90
N LEU B 64 -1.63 -18.82 -2.93
CA LEU B 64 -3.05 -19.13 -2.99
C LEU B 64 -3.50 -20.26 -2.06
N GLU B 65 -2.61 -21.25 -1.87
CA GLU B 65 -2.83 -22.35 -0.92
C GLU B 65 -2.72 -21.90 0.52
N GLU B 66 -1.77 -21.03 0.84
CA GLU B 66 -1.77 -20.41 2.15
C GLU B 66 -3.08 -19.66 2.43
N LEU B 67 -3.58 -18.94 1.44
CA LEU B 67 -4.85 -18.20 1.58
C LEU B 67 -6.02 -19.14 1.93
N GLU B 68 -6.11 -20.26 1.21
CA GLU B 68 -7.14 -21.28 1.43
C GLU B 68 -7.00 -21.99 2.78
N LEU B 69 -5.76 -22.35 3.12
CA LEU B 69 -5.48 -23.16 4.31
C LEU B 69 -5.43 -22.36 5.60
N LYS B 70 -4.92 -21.13 5.54
CA LYS B 70 -4.66 -20.35 6.75
C LYS B 70 -5.50 -19.08 6.93
N PHE B 71 -6.15 -18.63 5.86
CA PHE B 71 -6.89 -17.35 5.83
C PHE B 71 -8.37 -17.55 5.53
N ASP B 72 -8.82 -18.81 5.66
CA ASP B 72 -10.23 -19.22 5.50
C ASP B 72 -10.87 -18.77 4.18
N MET B 73 -10.05 -18.70 3.12
CA MET B 73 -10.54 -18.25 1.83
C MET B 73 -11.31 -19.32 1.06
N ASP B 74 -12.46 -18.94 0.50
CA ASP B 74 -13.31 -19.78 -0.31
C ASP B 74 -12.75 -19.86 -1.72
N PRO B 75 -13.12 -20.92 -2.48
CA PRO B 75 -12.61 -21.15 -3.84
C PRO B 75 -12.90 -20.02 -4.83
N ASN B 76 -14.04 -19.35 -4.67
CA ASN B 76 -14.39 -18.24 -5.56
C ASN B 76 -13.38 -17.09 -5.50
N ARG B 77 -13.01 -16.69 -4.28
CA ARG B 77 -12.02 -15.63 -4.11
C ARG B 77 -10.59 -16.12 -4.42
N VAL B 78 -10.28 -17.37 -4.09
CA VAL B 78 -8.98 -17.94 -4.55
C VAL B 78 -8.88 -17.76 -6.07
N ARG B 79 -9.98 -18.05 -6.78
CA ARG B 79 -10.08 -17.88 -8.24
C ARG B 79 -9.97 -16.42 -8.69
N TYR B 80 -10.69 -15.53 -8.02
CA TYR B 80 -10.55 -14.09 -8.28
C TYR B 80 -9.06 -13.69 -8.17
N LEU B 81 -8.45 -14.02 -7.05
CA LEU B 81 -7.06 -13.64 -6.79
C LEU B 81 -6.06 -14.22 -7.78
N ARG B 82 -6.32 -15.44 -8.27
CA ARG B 82 -5.44 -16.07 -9.24
C ARG B 82 -5.47 -15.29 -10.54
N LYS B 83 -6.67 -14.91 -10.97
CA LYS B 83 -6.85 -14.12 -12.17
C LYS B 83 -6.31 -12.68 -12.02
N MET B 84 -6.53 -12.07 -10.86
CA MET B 84 -5.91 -10.76 -10.56
C MET B 84 -4.38 -10.85 -10.67
N MET B 85 -3.80 -11.83 -10.01
CA MET B 85 -2.36 -12.01 -10.05
C MET B 85 -1.83 -12.18 -11.49
N ASP B 86 -2.43 -13.11 -12.24
CA ASP B 86 -2.00 -13.33 -13.65
C ASP B 86 -2.17 -12.09 -14.52
N THR B 87 -3.26 -11.37 -14.34
CA THR B 87 -3.59 -10.23 -15.20
C THR B 87 -2.67 -9.06 -14.92
N THR B 88 -2.34 -8.87 -13.64
CA THR B 88 -1.55 -7.71 -13.25
C THR B 88 -0.04 -7.95 -13.33
N CYS B 89 0.41 -9.20 -13.10
CA CYS B 89 1.84 -9.55 -13.06
C CYS B 89 2.41 -10.16 -14.34
N LEU B 90 1.56 -10.70 -15.19
CA LEU B 90 2.00 -11.34 -16.44
C LEU B 90 1.65 -10.50 -17.66
N GLY B 91 2.36 -10.75 -18.76
CA GLY B 91 2.07 -10.07 -20.02
C GLY B 91 2.92 -8.86 -20.35
N GLY B 92 3.88 -8.54 -19.49
CA GLY B 92 4.90 -7.54 -19.83
C GLY B 92 6.15 -8.20 -20.38
N LYS B 93 7.23 -7.43 -20.42
CA LYS B 93 8.54 -7.89 -20.93
C LYS B 93 9.42 -8.50 -19.82
N TYR B 94 8.98 -8.37 -18.56
CA TYR B 94 9.72 -8.83 -17.38
C TYR B 94 11.16 -8.35 -17.32
N ASN B 95 11.43 -7.16 -17.86
CA ASN B 95 12.78 -6.61 -17.86
C ASN B 95 13.42 -6.47 -16.47
N ARG B 96 12.66 -5.98 -15.50
CA ARG B 96 13.15 -5.90 -14.11
C ARG B 96 13.50 -7.28 -13.55
N GLY B 97 12.56 -8.22 -13.65
CA GLY B 97 12.74 -9.54 -13.10
C GLY B 97 13.90 -10.27 -13.74
N LEU B 98 13.94 -10.27 -15.08
CA LEU B 98 14.97 -11.01 -15.84
C LEU B 98 16.37 -10.46 -15.62
N THR B 99 16.46 -9.16 -15.30
CA THR B 99 17.71 -8.51 -14.95
C THR B 99 18.29 -9.11 -13.66
N VAL B 100 17.45 -9.43 -12.68
CA VAL B 100 17.91 -10.04 -11.43
C VAL B 100 18.60 -11.36 -11.75
N ILE B 101 17.96 -12.20 -12.55
CA ILE B 101 18.52 -13.48 -13.00
C ILE B 101 19.84 -13.29 -13.77
N ASP B 102 19.86 -12.32 -14.68
CA ASP B 102 21.05 -12.06 -15.50
C ASP B 102 22.24 -11.61 -14.66
N VAL B 103 22.01 -10.70 -13.73
CA VAL B 103 23.08 -10.25 -12.83
C VAL B 103 23.63 -11.43 -12.04
N ALA B 104 22.74 -12.22 -11.43
CA ALA B 104 23.15 -13.38 -10.64
C ALA B 104 23.95 -14.36 -11.51
N GLU B 105 23.39 -14.73 -12.65
CA GLU B 105 24.01 -15.66 -13.61
C GLU B 105 25.38 -15.15 -14.09
N SER B 106 25.58 -13.83 -14.08
CA SER B 106 26.86 -13.23 -14.48
C SER B 106 27.92 -13.34 -13.39
N LEU B 107 27.52 -13.12 -12.15
CA LEU B 107 28.43 -13.16 -11.01
C LEU B 107 28.66 -14.60 -10.58
N LEU B 108 28.08 -15.53 -11.33
CA LEU B 108 28.24 -16.95 -11.05
C LEU B 108 29.53 -17.47 -11.69
N SER B 109 30.65 -17.14 -11.03
CA SER B 109 31.99 -17.62 -11.41
C SER B 109 32.94 -17.59 -10.21
N LEU B 110 32.71 -16.60 -9.34
CA LEU B 110 33.59 -16.31 -8.22
C LEU B 110 33.54 -17.40 -7.14
N ASP B 119 31.78 -24.04 -7.98
CA ASP B 119 30.36 -24.25 -8.27
C ASP B 119 30.12 -25.63 -8.88
N ASP B 120 29.60 -26.55 -8.06
CA ASP B 120 29.31 -27.92 -8.50
C ASP B 120 27.89 -28.07 -9.05
N GLY B 121 27.09 -27.02 -8.91
CA GLY B 121 25.70 -27.03 -9.40
C GLY B 121 24.69 -26.76 -8.30
N ALA B 122 25.03 -27.11 -7.07
CA ALA B 122 24.15 -26.87 -5.92
C ALA B 122 24.01 -25.37 -5.61
N ARG B 123 25.15 -24.67 -5.53
CA ARG B 123 25.17 -23.21 -5.40
C ARG B 123 24.41 -22.53 -6.53
N ARG B 124 24.73 -22.93 -7.76
CA ARG B 124 24.09 -22.42 -8.98
C ARG B 124 22.57 -22.59 -8.94
N LYS B 125 22.12 -23.79 -8.62
CA LYS B 125 20.71 -24.11 -8.51
C LYS B 125 20.03 -23.17 -7.51
N ARG B 126 20.65 -22.99 -6.34
CA ARG B 126 20.10 -22.12 -5.31
C ARG B 126 20.12 -20.65 -5.70
N VAL B 127 21.28 -20.15 -6.14
CA VAL B 127 21.42 -18.74 -6.47
C VAL B 127 20.41 -18.32 -7.55
N LEU B 128 20.23 -19.17 -8.56
CA LEU B 128 19.34 -18.88 -9.68
C LEU B 128 17.88 -18.93 -9.28
N HIS B 129 17.53 -19.81 -8.36
CA HIS B 129 16.17 -19.85 -7.82
C HIS B 129 15.89 -18.62 -6.95
N ASP B 130 16.82 -18.26 -6.07
CA ASP B 130 16.72 -17.01 -5.29
C ASP B 130 16.57 -15.78 -6.18
N ALA B 131 17.27 -15.76 -7.31
CA ALA B 131 17.20 -14.64 -8.27
C ALA B 131 15.81 -14.58 -8.94
N CYS B 132 15.27 -15.74 -9.28
CA CYS B 132 13.91 -15.85 -9.80
C CYS B 132 12.88 -15.33 -8.79
N VAL B 133 13.01 -15.71 -7.51
CA VAL B 133 12.08 -15.22 -6.46
C VAL B 133 12.16 -13.68 -6.32
N CYS B 134 13.38 -13.15 -6.21
CA CYS B 134 13.62 -11.69 -6.18
C CYS B 134 13.10 -11.01 -7.44
N GLY B 135 13.34 -11.66 -8.58
CA GLY B 135 12.79 -11.27 -9.86
C GLY B 135 11.29 -11.07 -9.79
N TRP B 136 10.56 -12.06 -9.29
CA TRP B 136 9.11 -11.88 -9.04
C TRP B 136 8.71 -10.84 -7.97
N MET B 137 9.53 -10.67 -6.93
CA MET B 137 9.30 -9.60 -5.95
C MET B 137 9.18 -8.26 -6.67
N ILE B 138 10.15 -7.96 -7.54
CA ILE B 138 10.14 -6.69 -8.28
C ILE B 138 9.00 -6.58 -9.30
N GLU B 139 8.69 -7.70 -9.97
CA GLU B 139 7.59 -7.77 -10.94
C GLU B 139 6.22 -7.60 -10.28
N PHE B 140 6.05 -8.21 -9.11
CA PHE B 140 4.87 -8.05 -8.28
C PHE B 140 4.80 -6.65 -7.67
N LEU B 141 5.96 -6.09 -7.28
CA LEU B 141 6.01 -4.70 -6.81
C LEU B 141 5.57 -3.75 -7.92
N GLN B 142 6.13 -3.92 -9.11
CA GLN B 142 5.68 -3.14 -10.29
C GLN B 142 4.20 -3.37 -10.62
N ALA B 143 3.71 -4.61 -10.51
CA ALA B 143 2.29 -4.88 -10.68
C ALA B 143 1.47 -4.01 -9.73
N HIS B 144 1.92 -3.92 -8.48
CA HIS B 144 1.29 -3.04 -7.46
C HIS B 144 1.30 -1.58 -7.93
N TYR B 145 2.45 -1.08 -8.38
CA TYR B 145 2.61 0.31 -8.81
C TYR B 145 1.62 0.66 -9.95
N LEU B 146 1.58 -0.20 -10.95
CA LEU B 146 0.75 -0.02 -12.14
C LEU B 146 -0.75 -0.05 -11.88
N VAL B 147 -1.22 -0.95 -11.01
CA VAL B 147 -2.63 -0.97 -10.61
C VAL B 147 -3.02 0.36 -9.98
N GLU B 148 -2.21 0.82 -9.04
CA GLU B 148 -2.55 2.05 -8.28
C GLU B 148 -2.32 3.26 -9.18
N ASP B 149 -1.25 3.22 -9.97
CA ASP B 149 -0.91 4.33 -10.88
C ASP B 149 -1.97 4.52 -11.97
N ASP B 150 -2.47 3.43 -12.53
CA ASP B 150 -3.54 3.55 -13.55
C ASP B 150 -4.80 4.25 -13.02
N ILE B 151 -5.16 3.93 -11.78
CA ILE B 151 -6.18 4.66 -11.02
C ILE B 151 -5.85 6.16 -10.88
N MET B 152 -4.66 6.45 -10.33
CA MET B 152 -4.21 7.83 -10.12
C MET B 152 -4.13 8.61 -11.43
N ASP B 153 -3.70 7.94 -12.51
CA ASP B 153 -3.51 8.60 -13.80
C ASP B 153 -4.75 8.56 -14.72
N ASN B 154 -5.85 7.99 -14.23
CA ASN B 154 -7.09 7.84 -15.02
C ASN B 154 -6.84 7.17 -16.38
N SER B 155 -5.98 6.15 -16.39
CA SER B 155 -5.67 5.46 -17.64
C SER B 155 -6.80 4.52 -18.02
N VAL B 156 -6.77 4.07 -19.28
CA VAL B 156 -7.83 3.27 -19.82
C VAL B 156 -7.38 1.82 -20.10
N THR B 157 -6.22 1.65 -20.72
CA THR B 157 -5.70 0.33 -21.02
C THR B 157 -4.24 0.13 -20.53
N ARG B 158 -3.83 -1.13 -20.45
CA ARG B 158 -2.51 -1.51 -19.97
C ARG B 158 -2.14 -2.83 -20.65
N ARG B 159 -0.93 -2.90 -21.22
CA ARG B 159 -0.46 -4.11 -21.92
C ARG B 159 -1.57 -4.68 -22.83
N GLY B 160 -2.30 -3.78 -23.50
CA GLY B 160 -3.34 -4.17 -24.46
C GLY B 160 -4.67 -4.65 -23.91
N LYS B 161 -4.85 -4.60 -22.60
CA LYS B 161 -6.09 -5.01 -21.93
C LYS B 161 -6.58 -3.78 -21.20
N PRO B 162 -7.84 -3.76 -20.73
CA PRO B 162 -8.20 -2.67 -19.81
C PRO B 162 -7.28 -2.64 -18.59
N CYS B 163 -7.13 -1.47 -17.97
CA CYS B 163 -6.44 -1.36 -16.69
C CYS B 163 -7.23 -2.20 -15.71
N TRP B 164 -6.58 -2.67 -14.65
CA TRP B 164 -7.25 -3.55 -13.71
C TRP B 164 -8.54 -2.91 -13.19
N TYR B 165 -8.44 -1.66 -12.73
CA TYR B 165 -9.60 -0.98 -12.19
C TYR B 165 -10.67 -0.73 -13.28
N ARG B 166 -10.33 -0.92 -14.56
CA ARG B 166 -11.31 -0.72 -15.64
C ARG B 166 -11.99 -2.01 -16.04
N HIS B 167 -11.58 -3.14 -15.44
CA HIS B 167 -12.22 -4.43 -15.74
C HIS B 167 -13.67 -4.39 -15.31
N PRO B 168 -14.59 -4.89 -16.16
CA PRO B 168 -16.04 -4.87 -15.86
C PRO B 168 -16.41 -5.37 -14.46
N ASP B 169 -15.79 -6.46 -14.01
CA ASP B 169 -16.08 -7.00 -12.69
C ASP B 169 -15.14 -6.59 -11.56
N VAL B 170 -14.31 -5.57 -11.79
CA VAL B 170 -13.45 -5.07 -10.73
C VAL B 170 -13.96 -3.69 -10.35
N THR B 171 -14.36 -3.51 -9.09
CA THR B 171 -14.74 -2.17 -8.65
C THR B 171 -13.47 -1.37 -8.36
N VAL B 172 -13.59 -0.03 -8.35
CA VAL B 172 -12.45 0.83 -8.02
C VAL B 172 -11.94 0.51 -6.61
N GLN B 173 -12.88 0.32 -5.67
CA GLN B 173 -12.49 0.00 -4.30
C GLN B 173 -11.78 -1.35 -4.17
N CYS B 174 -12.23 -2.35 -4.95
CA CYS B 174 -11.50 -3.62 -4.97
C CYS B 174 -10.15 -3.50 -5.67
N ALA B 175 -10.12 -2.74 -6.77
CA ALA B 175 -8.85 -2.47 -7.47
C ALA B 175 -7.78 -1.90 -6.53
N ILE B 176 -8.16 -0.91 -5.71
CA ILE B 176 -7.24 -0.31 -4.73
C ILE B 176 -6.70 -1.38 -3.77
N ASN B 177 -7.57 -2.21 -3.22
CA ASN B 177 -7.15 -3.29 -2.33
C ASN B 177 -6.33 -4.37 -3.03
N ASP B 178 -6.72 -4.71 -4.25
CA ASP B 178 -6.00 -5.71 -5.05
C ASP B 178 -4.54 -5.27 -5.25
N GLY B 179 -4.35 -4.01 -5.65
CA GLY B 179 -3.03 -3.40 -5.75
C GLY B 179 -2.22 -3.56 -4.49
N LEU B 180 -2.86 -3.33 -3.35
CA LEU B 180 -2.19 -3.45 -2.05
C LEU B 180 -1.79 -4.88 -1.70
N LEU B 181 -2.67 -5.83 -2.03
CA LEU B 181 -2.37 -7.26 -1.92
C LEU B 181 -1.15 -7.65 -2.72
N LEU B 182 -0.98 -7.08 -3.91
CA LEU B 182 0.19 -7.38 -4.73
C LEU B 182 1.48 -7.01 -3.98
N LYS B 183 1.51 -5.84 -3.34
CA LYS B 183 2.70 -5.53 -2.55
C LYS B 183 2.85 -6.45 -1.32
N SER B 184 1.75 -6.80 -0.67
CA SER B 184 1.86 -7.75 0.47
C SER B 184 2.51 -9.04 0.03
N TRP B 185 2.19 -9.45 -1.18
CA TRP B 185 2.73 -10.69 -1.73
C TRP B 185 4.25 -10.68 -1.88
N THR B 186 4.86 -9.50 -2.11
CA THR B 186 6.32 -9.42 -2.28
C THR B 186 7.03 -9.81 -0.99
N HIS B 187 6.48 -9.32 0.11
CA HIS B 187 7.01 -9.61 1.43
C HIS B 187 6.76 -11.06 1.84
N MET B 188 5.55 -11.55 1.61
CA MET B 188 5.21 -12.95 1.93
C MET B 188 6.11 -13.97 1.20
N MET B 189 6.36 -13.73 -0.09
CA MET B 189 7.21 -14.65 -0.88
C MET B 189 8.67 -14.57 -0.40
N ALA B 190 9.14 -13.36 -0.10
CA ALA B 190 10.46 -13.19 0.50
C ALA B 190 10.61 -13.99 1.79
N MET B 191 9.65 -13.84 2.70
CA MET B 191 9.75 -14.45 4.03
C MET B 191 9.70 -15.98 3.93
N HIS B 192 8.96 -16.48 2.96
CA HIS B 192 8.82 -17.92 2.74
C HIS B 192 10.07 -18.51 2.11
N PHE B 193 10.49 -17.98 0.98
CA PHE B 193 11.60 -18.57 0.24
C PHE B 193 12.97 -18.25 0.84
N PHE B 194 13.07 -17.13 1.54
CA PHE B 194 14.36 -16.67 2.04
C PHE B 194 14.45 -16.74 3.56
N ALA B 195 13.53 -17.48 4.18
CA ALA B 195 13.46 -17.60 5.64
C ALA B 195 14.84 -17.87 6.28
N ASP B 196 15.61 -18.78 5.68
CA ASP B 196 16.89 -19.24 6.21
C ASP B 196 18.14 -18.61 5.54
N ARG B 197 17.98 -17.48 4.85
CA ARG B 197 19.08 -16.81 4.18
C ARG B 197 19.60 -15.69 5.04
N PRO B 198 20.93 -15.63 5.25
CA PRO B 198 21.58 -14.53 5.97
C PRO B 198 21.26 -13.15 5.38
N PHE B 199 21.08 -13.08 4.07
CA PHE B 199 20.83 -11.81 3.39
C PHE B 199 19.41 -11.25 3.55
N LEU B 200 18.51 -12.02 4.15
CA LEU B 200 17.09 -11.66 4.21
C LEU B 200 16.86 -10.25 4.75
N GLN B 201 17.45 -9.94 5.89
CA GLN B 201 17.26 -8.66 6.53
C GLN B 201 17.77 -7.53 5.62
N ASP B 202 18.97 -7.69 5.06
CA ASP B 202 19.52 -6.70 4.15
C ASP B 202 18.62 -6.52 2.90
N LEU B 203 18.22 -7.64 2.29
CA LEU B 203 17.35 -7.61 1.12
C LEU B 203 16.06 -6.81 1.41
N LEU B 204 15.38 -7.19 2.49
CA LEU B 204 14.15 -6.56 2.89
C LEU B 204 14.34 -5.10 3.22
N CYS B 205 15.46 -4.75 3.87
CA CYS B 205 15.74 -3.34 4.13
C CYS B 205 15.84 -2.50 2.83
N ARG B 206 16.59 -2.99 1.85
CA ARG B 206 16.82 -2.23 0.59
C ARG B 206 15.55 -2.16 -0.28
N PHE B 207 14.84 -3.29 -0.34
CA PHE B 207 13.58 -3.39 -1.06
C PHE B 207 12.64 -2.31 -0.53
N ASN B 208 12.49 -2.27 0.79
CA ASN B 208 11.60 -1.31 1.44
C ASN B 208 11.98 0.18 1.25
N ARG B 209 13.26 0.48 1.31
CA ARG B 209 13.71 1.85 1.06
C ARG B 209 13.40 2.28 -0.38
N VAL B 210 13.59 1.37 -1.33
CA VAL B 210 13.33 1.67 -2.73
C VAL B 210 11.83 1.87 -2.98
N ASP B 211 11.01 1.05 -2.33
CA ASP B 211 9.55 1.20 -2.38
C ASP B 211 9.11 2.60 -1.90
N TYR B 212 9.61 2.98 -0.73
CA TYR B 212 9.34 4.30 -0.14
C TYR B 212 9.83 5.45 -1.04
N THR B 213 11.02 5.27 -1.59
CA THR B 213 11.58 6.19 -2.59
C THR B 213 10.61 6.42 -3.76
N THR B 214 9.98 5.33 -4.21
CA THR B 214 9.10 5.36 -5.38
C THR B 214 7.80 6.03 -5.05
N ALA B 215 7.31 5.78 -3.85
CA ALA B 215 6.13 6.48 -3.32
C ALA B 215 6.39 7.99 -3.21
N VAL B 216 7.57 8.37 -2.75
CA VAL B 216 7.98 9.79 -2.73
C VAL B 216 7.98 10.37 -4.15
N GLY B 217 8.52 9.63 -5.11
CA GLY B 217 8.55 10.07 -6.52
C GLY B 217 7.17 10.25 -7.11
N GLN B 218 6.27 9.34 -6.74
CA GLN B 218 4.88 9.41 -7.12
C GLN B 218 4.18 10.66 -6.53
N LEU B 219 4.49 11.01 -5.28
CA LEU B 219 4.06 12.30 -4.74
C LEU B 219 4.51 13.47 -5.67
N TYR B 220 5.79 13.52 -6.03
CA TYR B 220 6.34 14.54 -6.95
C TYR B 220 5.59 14.60 -8.29
N ASP B 221 5.23 13.43 -8.80
CA ASP B 221 4.58 13.30 -10.08
C ASP B 221 3.16 13.85 -10.06
N VAL B 222 2.42 13.46 -9.03
CA VAL B 222 1.01 13.69 -8.90
C VAL B 222 0.69 15.15 -8.45
N THR B 223 1.69 15.82 -7.87
CA THR B 223 1.52 17.23 -7.45
C THR B 223 2.30 18.22 -8.31
N SER B 224 2.87 17.74 -9.41
CA SER B 224 3.81 18.52 -10.18
C SER B 224 3.11 19.55 -11.05
N MET B 225 1.79 19.44 -11.15
CA MET B 225 0.98 20.37 -11.94
C MET B 225 0.24 21.35 -11.03
N PHE B 226 0.54 21.27 -9.74
CA PHE B 226 0.01 22.21 -8.75
C PHE B 226 1.14 23.08 -8.21
N ASP B 227 0.93 24.39 -8.31
CA ASP B 227 1.82 25.40 -7.72
C ASP B 227 2.06 25.01 -6.27
N SER B 228 3.29 24.57 -6.00
CA SER B 228 3.62 23.99 -4.69
C SER B 228 3.57 24.98 -3.54
N ASN B 229 3.67 26.27 -3.86
CA ASN B 229 3.61 27.31 -2.84
C ASN B 229 2.22 27.37 -2.22
N LYS B 230 1.22 26.99 -3.01
CA LYS B 230 -0.18 27.01 -2.63
C LYS B 230 -0.73 25.63 -2.23
N LEU B 231 0.14 24.62 -2.16
CA LEU B 231 -0.22 23.28 -1.68
C LEU B 231 -0.66 23.32 -0.22
N ASP B 232 -1.92 22.99 0.00
CA ASP B 232 -2.55 23.16 1.30
C ASP B 232 -3.80 22.29 1.34
N PRO B 233 -3.83 21.26 2.21
CA PRO B 233 -4.95 20.32 2.28
C PRO B 233 -6.30 21.00 2.44
N ASP B 234 -6.33 22.05 3.25
CA ASP B 234 -7.57 22.75 3.63
C ASP B 234 -8.17 23.61 2.51
N VAL B 235 -7.37 23.93 1.49
CA VAL B 235 -7.81 24.86 0.45
C VAL B 235 -7.68 24.30 -0.97
N SER B 236 -8.78 24.33 -1.73
CA SER B 236 -8.77 23.84 -3.11
C SER B 236 -7.90 24.72 -3.99
N GLN B 237 -7.35 24.14 -5.05
CA GLN B 237 -6.48 24.87 -5.97
C GLN B 237 -6.51 24.23 -7.35
N PRO B 238 -6.55 25.06 -8.41
CA PRO B 238 -6.58 24.50 -9.75
C PRO B 238 -5.19 24.16 -10.30
N THR B 239 -5.17 23.48 -11.45
CA THR B 239 -3.94 23.21 -12.18
C THR B 239 -3.23 24.53 -12.44
N THR B 240 -1.91 24.51 -12.27
CA THR B 240 -1.04 25.66 -12.52
C THR B 240 -1.37 26.32 -13.86
N THR B 241 -1.34 27.65 -13.88
CA THR B 241 -1.58 28.38 -15.12
C THR B 241 -0.29 28.98 -15.68
N ASP B 242 0.72 29.15 -14.82
CA ASP B 242 2.00 29.70 -15.26
C ASP B 242 3.08 28.64 -15.59
N PHE B 243 2.88 27.41 -15.12
CA PHE B 243 3.84 26.31 -15.32
C PHE B 243 5.25 26.65 -14.86
N ALA B 244 5.35 27.51 -13.84
CA ALA B 244 6.65 27.99 -13.36
C ALA B 244 7.54 26.86 -12.82
N GLU B 245 6.90 25.76 -12.42
CA GLU B 245 7.59 24.62 -11.83
C GLU B 245 7.86 23.47 -12.82
N PHE B 246 7.47 23.68 -14.08
CA PHE B 246 7.76 22.75 -15.17
C PHE B 246 9.18 22.94 -15.70
N THR B 247 10.15 22.67 -14.84
CA THR B 247 11.55 22.87 -15.17
C THR B 247 12.23 21.52 -15.28
N LEU B 248 13.40 21.51 -15.91
CA LEU B 248 14.15 20.27 -16.09
C LEU B 248 14.63 19.74 -14.74
N SER B 249 14.96 20.66 -13.84
CA SER B 249 15.37 20.32 -12.50
C SER B 249 14.29 19.57 -11.72
N ASN B 250 13.05 20.03 -11.83
CA ASN B 250 11.92 19.34 -11.20
C ASN B 250 11.59 18.03 -11.93
N TYR B 251 11.65 18.03 -13.26
CA TYR B 251 11.50 16.79 -14.02
C TYR B 251 12.48 15.70 -13.57
N LYS B 252 13.76 16.02 -13.54
CA LYS B 252 14.79 15.05 -13.16
C LYS B 252 14.55 14.46 -11.77
N ARG B 253 14.03 15.26 -10.84
CA ARG B 253 13.73 14.74 -9.49
C ARG B 253 12.52 13.78 -9.48
N ILE B 254 11.45 14.14 -10.20
CA ILE B 254 10.28 13.29 -10.29
C ILE B 254 10.68 11.89 -10.76
N VAL B 255 11.47 11.89 -11.82
CA VAL B 255 11.85 10.72 -12.58
C VAL B 255 12.89 9.88 -11.81
N LYS B 256 13.85 10.55 -11.19
CA LYS B 256 14.82 9.85 -10.33
C LYS B 256 14.10 9.00 -9.27
N TYR B 257 13.17 9.64 -8.58
CA TYR B 257 12.44 8.99 -7.52
C TYR B 257 11.31 8.04 -7.98
N LYS B 258 10.46 8.43 -8.94
CA LYS B 258 9.36 7.55 -9.32
C LYS B 258 9.79 6.33 -10.13
N THR B 259 10.95 6.38 -10.80
CA THR B 259 11.32 5.34 -11.76
C THR B 259 12.72 4.72 -11.64
N ALA B 260 13.75 5.55 -11.48
CA ALA B 260 15.13 5.06 -11.61
C ALA B 260 15.52 4.05 -10.54
N TYR B 261 15.07 4.29 -9.31
CA TYR B 261 15.43 3.43 -8.20
C TYR B 261 14.86 2.01 -8.34
N TYR B 262 13.57 1.89 -8.58
CA TYR B 262 13.01 0.54 -8.67
C TYR B 262 13.21 -0.17 -9.99
N THR B 263 13.41 0.59 -11.07
CA THR B 263 13.46 0.00 -12.41
C THR B 263 14.87 -0.39 -12.79
N TYR B 264 15.86 0.36 -12.31
CA TYR B 264 17.26 0.11 -12.63
C TYR B 264 18.12 -0.29 -11.44
N LEU B 265 18.11 0.50 -10.35
CA LEU B 265 18.94 0.19 -9.18
C LEU B 265 18.57 -1.09 -8.46
N LEU B 266 17.28 -1.30 -8.21
CA LEU B 266 16.82 -2.41 -7.43
C LEU B 266 17.11 -3.81 -8.05
N PRO B 267 16.82 -4.01 -9.36
CA PRO B 267 17.15 -5.34 -9.98
C PRO B 267 18.64 -5.70 -9.93
N LEU B 268 19.49 -4.71 -10.10
CA LEU B 268 20.94 -4.88 -10.06
C LEU B 268 21.41 -5.28 -8.65
N VAL B 269 20.96 -4.48 -7.69
CA VAL B 269 21.26 -4.65 -6.28
C VAL B 269 20.76 -6.01 -5.80
N MET B 270 19.51 -6.35 -6.10
CA MET B 270 19.00 -7.66 -5.74
C MET B 270 19.76 -8.84 -6.38
N GLY B 271 20.13 -8.69 -7.64
CA GLY B 271 20.91 -9.69 -8.35
C GLY B 271 22.24 -9.91 -7.66
N LEU B 272 22.84 -8.81 -7.21
CA LEU B 272 24.07 -8.84 -6.42
C LEU B 272 23.88 -9.45 -5.03
N ILE B 273 22.79 -9.07 -4.36
CA ILE B 273 22.46 -9.63 -3.05
C ILE B 273 22.35 -11.15 -3.09
N VAL B 274 21.56 -11.71 -4.00
CA VAL B 274 21.35 -13.19 -4.01
C VAL B 274 22.58 -13.98 -4.48
N SER B 275 23.48 -13.31 -5.17
CA SER B 275 24.70 -13.97 -5.61
C SER B 275 25.84 -13.64 -4.63
N GLU B 276 25.47 -12.99 -3.53
CA GLU B 276 26.38 -12.62 -2.44
C GLU B 276 27.62 -11.85 -2.94
N ALA B 277 27.37 -10.85 -3.78
CA ALA B 277 28.45 -10.11 -4.44
C ALA B 277 28.29 -8.60 -4.34
N LEU B 278 27.43 -8.16 -3.42
CA LEU B 278 27.10 -6.74 -3.30
C LEU B 278 28.33 -5.83 -3.05
N PRO B 279 29.23 -6.21 -2.12
CA PRO B 279 30.37 -5.31 -1.89
C PRO B 279 31.47 -5.35 -3.00
N THR B 280 31.31 -6.24 -3.99
CA THR B 280 32.33 -6.40 -5.05
C THR B 280 32.27 -5.32 -6.14
N VAL B 281 31.43 -4.34 -5.93
CA VAL B 281 31.00 -3.44 -6.97
C VAL B 281 31.09 -2.01 -6.45
N ASP B 282 31.55 -1.09 -7.31
CA ASP B 282 31.60 0.32 -6.99
C ASP B 282 30.18 0.85 -7.03
N MET B 283 29.63 1.13 -5.85
CA MET B 283 28.22 1.45 -5.73
C MET B 283 27.92 2.87 -6.19
N GLY B 284 28.92 3.74 -6.05
CA GLY B 284 28.84 5.11 -6.56
C GLY B 284 28.65 5.13 -8.06
N VAL B 285 29.44 4.31 -8.75
CA VAL B 285 29.35 4.19 -10.19
C VAL B 285 28.07 3.47 -10.59
N THR B 286 27.76 2.36 -9.93
CA THR B 286 26.50 1.64 -10.17
C THR B 286 25.25 2.54 -10.04
N GLU B 287 25.17 3.27 -8.93
CA GLU B 287 24.05 4.18 -8.74
C GLU B 287 24.01 5.26 -9.80
N GLU B 288 25.17 5.82 -10.13
CA GLU B 288 25.29 6.79 -11.21
C GLU B 288 24.68 6.21 -12.48
N LEU B 289 25.09 4.99 -12.83
CA LEU B 289 24.55 4.26 -13.98
C LEU B 289 23.02 4.05 -13.93
N ALA B 290 22.52 3.57 -12.80
CA ALA B 290 21.09 3.38 -12.60
C ALA B 290 20.30 4.67 -12.76
N MET B 291 20.82 5.76 -12.20
CA MET B 291 20.12 7.05 -12.24
C MET B 291 20.00 7.58 -13.67
N LEU B 292 21.12 7.48 -14.40
CA LEU B 292 21.19 7.88 -15.81
C LEU B 292 20.29 7.06 -16.73
N MET B 293 20.40 5.73 -16.67
CA MET B 293 19.55 4.84 -17.42
C MET B 293 18.07 5.00 -17.04
N GLY B 294 17.79 5.01 -15.74
CA GLY B 294 16.43 5.24 -15.23
C GLY B 294 15.81 6.54 -15.72
N GLU B 295 16.56 7.64 -15.69
CA GLU B 295 16.03 8.92 -16.22
C GLU B 295 15.71 8.80 -17.72
N TYR B 296 16.62 8.16 -18.46
CA TYR B 296 16.49 8.00 -19.91
C TYR B 296 15.34 7.08 -20.26
N PHE B 297 15.22 5.95 -19.56
CA PHE B 297 14.01 5.12 -19.61
C PHE B 297 12.69 5.95 -19.45
N GLN B 298 12.62 6.80 -18.44
CA GLN B 298 11.41 7.60 -18.25
C GLN B 298 11.21 8.65 -19.33
N VAL B 299 12.30 9.29 -19.76
CA VAL B 299 12.25 10.15 -20.94
C VAL B 299 11.67 9.37 -22.14
N GLN B 300 12.17 8.15 -22.41
CA GLN B 300 11.55 7.32 -23.45
C GLN B 300 10.04 7.09 -23.25
N ASP B 301 9.65 6.78 -22.01
CA ASP B 301 8.22 6.56 -21.68
C ASP B 301 7.32 7.78 -21.99
N ASP B 302 7.84 8.96 -21.64
CA ASP B 302 7.15 10.21 -21.87
C ASP B 302 7.01 10.47 -23.36
N VAL B 303 8.10 10.27 -24.11
CA VAL B 303 8.05 10.50 -25.56
C VAL B 303 7.05 9.54 -26.22
N MET B 304 7.15 8.26 -25.87
CA MET B 304 6.21 7.27 -26.38
C MET B 304 4.76 7.57 -26.02
N ASP B 305 4.52 8.10 -24.82
CA ASP B 305 3.18 8.47 -24.40
C ASP B 305 2.52 9.41 -25.43
N CYS B 306 3.31 10.31 -25.99
CA CYS B 306 2.79 11.32 -26.92
C CYS B 306 2.68 10.83 -28.37
N PHE B 307 3.71 10.15 -28.84
CA PHE B 307 3.90 9.92 -30.28
C PHE B 307 3.78 8.49 -30.80
N THR B 308 3.93 7.50 -29.91
CA THR B 308 3.83 6.10 -30.31
C THR B 308 2.36 5.67 -30.31
N PRO B 309 1.90 5.08 -31.43
CA PRO B 309 0.51 4.59 -31.49
C PRO B 309 0.27 3.57 -30.37
N PRO B 310 -0.92 3.62 -29.74
CA PRO B 310 -1.21 2.76 -28.59
C PRO B 310 -1.18 1.26 -28.90
N GLU B 311 -1.40 0.88 -30.16
CA GLU B 311 -1.38 -0.53 -30.57
C GLU B 311 -0.01 -1.15 -30.39
N ARG B 312 1.04 -0.32 -30.53
CA ARG B 312 2.41 -0.73 -30.27
C ARG B 312 2.73 -0.58 -28.78
N LEU B 313 2.21 0.48 -28.17
CA LEU B 313 2.40 0.75 -26.74
C LEU B 313 1.71 -0.33 -25.89
N GLY B 314 0.43 -0.57 -26.16
CA GLY B 314 -0.40 -1.43 -25.34
C GLY B 314 -1.26 -0.58 -24.42
N LYS B 315 -0.94 0.70 -24.35
CA LYS B 315 -1.65 1.62 -23.45
C LYS B 315 -1.90 2.93 -24.16
N VAL B 316 -2.97 3.61 -23.76
CA VAL B 316 -3.26 4.95 -24.27
C VAL B 316 -2.67 6.02 -23.34
N GLY B 317 -1.90 6.93 -23.91
CA GLY B 317 -1.27 8.02 -23.15
C GLY B 317 -2.23 9.02 -22.52
N THR B 318 -1.83 9.50 -21.34
CA THR B 318 -2.67 10.42 -20.56
C THR B 318 -1.92 11.69 -20.12
N ASP B 319 -0.62 11.75 -20.38
CA ASP B 319 0.25 12.83 -19.89
C ASP B 319 -0.28 14.25 -20.25
N ILE B 320 -0.60 14.46 -21.51
CA ILE B 320 -1.15 15.76 -21.94
C ILE B 320 -2.43 16.06 -21.14
N GLN B 321 -3.38 15.13 -21.20
CA GLN B 321 -4.63 15.22 -20.44
C GLN B 321 -4.47 15.41 -18.93
N ASP B 322 -3.55 14.67 -18.31
CA ASP B 322 -3.33 14.75 -16.85
C ASP B 322 -2.46 15.93 -16.46
N ALA B 323 -1.94 16.63 -17.46
CA ALA B 323 -1.05 17.80 -17.31
C ALA B 323 0.27 17.43 -16.63
N LYS B 324 0.82 16.27 -17.01
CA LYS B 324 2.04 15.75 -16.39
C LYS B 324 3.23 16.63 -16.75
N CYS B 325 4.09 16.85 -15.77
CA CYS B 325 5.39 17.46 -15.96
C CYS B 325 6.27 16.44 -16.69
N SER B 326 5.99 16.24 -17.97
CA SER B 326 6.71 15.27 -18.78
C SER B 326 8.01 15.90 -19.30
N TRP B 327 8.89 15.08 -19.86
CA TRP B 327 10.09 15.57 -20.54
C TRP B 327 9.78 16.48 -21.73
N LEU B 328 8.79 16.09 -22.52
CA LEU B 328 8.34 16.88 -23.66
C LEU B 328 7.94 18.28 -23.21
N ALA B 329 7.06 18.38 -22.21
CA ALA B 329 6.55 19.64 -21.70
C ALA B 329 7.65 20.58 -21.19
N VAL B 330 8.51 20.08 -20.31
CA VAL B 330 9.58 20.89 -19.74
C VAL B 330 10.65 21.29 -20.77
N THR B 331 10.98 20.37 -21.68
CA THR B 331 11.90 20.66 -22.78
C THR B 331 11.28 21.70 -23.75
N PHE B 332 10.01 21.52 -24.11
CA PHE B 332 9.30 22.49 -24.94
C PHE B 332 9.27 23.87 -24.27
N LEU B 333 8.83 23.94 -23.01
CA LEU B 333 8.71 25.23 -22.32
C LEU B 333 10.03 26.02 -22.20
N ALA B 334 11.15 25.29 -22.10
CA ALA B 334 12.46 25.90 -21.96
C ALA B 334 13.02 26.49 -23.26
N LYS B 335 12.47 26.10 -24.39
CA LYS B 335 12.98 26.58 -25.67
C LYS B 335 11.96 27.39 -26.48
N ALA B 336 10.70 27.39 -26.05
CA ALA B 336 9.61 27.97 -26.83
C ALA B 336 9.60 29.49 -26.84
N SER B 337 9.13 30.05 -27.95
CA SER B 337 8.87 31.47 -28.04
C SER B 337 7.68 31.80 -27.15
N SER B 338 7.51 33.08 -26.83
CA SER B 338 6.32 33.53 -26.11
C SER B 338 4.99 33.07 -26.76
N ALA B 339 4.91 33.15 -28.08
CA ALA B 339 3.66 32.80 -28.79
C ALA B 339 3.34 31.31 -28.64
N GLN B 340 4.36 30.48 -28.80
CA GLN B 340 4.25 29.03 -28.58
C GLN B 340 3.78 28.66 -27.17
N VAL B 341 4.38 29.30 -26.17
CA VAL B 341 4.03 29.06 -24.77
C VAL B 341 2.57 29.43 -24.49
N ALA B 342 2.11 30.51 -25.11
CA ALA B 342 0.73 30.98 -24.94
C ALA B 342 -0.24 29.95 -25.49
N GLU B 343 0.07 29.43 -26.68
CA GLU B 343 -0.73 28.38 -27.30
C GLU B 343 -0.70 27.08 -26.48
N PHE B 344 0.47 26.73 -25.95
CA PHE B 344 0.62 25.58 -25.05
C PHE B 344 -0.29 25.68 -23.83
N LYS B 345 -0.25 26.84 -23.18
CA LYS B 345 -1.02 27.08 -21.95
C LYS B 345 -2.53 26.95 -22.16
N ALA B 346 -2.97 27.37 -23.34
CA ALA B 346 -4.38 27.31 -23.73
C ALA B 346 -4.85 25.87 -24.04
N ASN B 347 -3.90 24.95 -24.28
CA ASN B 347 -4.25 23.57 -24.71
C ASN B 347 -3.82 22.38 -23.81
N TYR B 348 -2.91 22.62 -22.86
CA TYR B 348 -2.44 21.55 -21.96
C TYR B 348 -3.41 21.24 -20.81
N GLY B 349 -3.45 19.96 -20.42
CA GLY B 349 -4.29 19.52 -19.30
C GLY B 349 -5.78 19.49 -19.62
N SER B 350 -6.10 19.11 -20.86
CA SER B 350 -7.47 18.98 -21.28
C SER B 350 -7.73 17.65 -21.98
N GLY B 351 -8.88 17.05 -21.68
CA GLY B 351 -9.33 15.83 -22.36
C GLY B 351 -9.77 16.05 -23.80
N ASP B 352 -10.00 17.31 -24.17
CA ASP B 352 -10.44 17.67 -25.52
C ASP B 352 -9.45 17.18 -26.60
N SER B 353 -9.96 16.38 -27.53
CA SER B 353 -9.16 15.78 -28.62
C SER B 353 -8.43 16.81 -29.49
N GLU B 354 -9.05 17.97 -29.66
CA GLU B 354 -8.50 19.04 -30.48
C GLU B 354 -7.32 19.70 -29.76
N LYS B 355 -7.47 19.91 -28.46
CA LYS B 355 -6.44 20.52 -27.62
C LYS B 355 -5.19 19.66 -27.48
N VAL B 356 -5.37 18.35 -27.29
CA VAL B 356 -4.23 17.43 -27.18
C VAL B 356 -3.49 17.35 -28.51
N ALA B 357 -4.26 17.40 -29.60
CA ALA B 357 -3.71 17.44 -30.95
C ALA B 357 -2.85 18.67 -31.17
N THR B 358 -3.30 19.81 -30.63
CA THR B 358 -2.54 21.06 -30.75
C THR B 358 -1.21 20.96 -29.98
N VAL B 359 -1.27 20.44 -28.75
CA VAL B 359 -0.06 20.18 -27.96
C VAL B 359 0.95 19.31 -28.74
N ARG B 360 0.50 18.21 -29.34
CA ARG B 360 1.40 17.34 -30.14
C ARG B 360 2.08 18.10 -31.28
N ARG B 361 1.31 18.95 -31.96
CA ARG B 361 1.81 19.74 -33.07
C ARG B 361 2.88 20.73 -32.63
N LEU B 362 2.64 21.41 -31.50
CA LEU B 362 3.60 22.37 -30.95
C LEU B 362 4.94 21.70 -30.62
N TYR B 363 4.87 20.47 -30.10
CA TYR B 363 6.06 19.68 -29.80
C TYR B 363 6.85 19.37 -31.08
N GLU B 364 6.14 19.07 -32.17
CA GLU B 364 6.76 18.83 -33.48
C GLU B 364 7.38 20.10 -34.04
N GLU B 365 6.65 21.20 -33.92
CA GLU B 365 7.11 22.49 -34.40
C GLU B 365 8.37 22.97 -33.68
N ALA B 366 8.53 22.54 -32.44
CA ALA B 366 9.65 22.95 -31.61
C ALA B 366 10.91 22.10 -31.85
N ASP B 367 10.81 21.09 -32.70
CA ASP B 367 11.90 20.16 -32.98
C ASP B 367 12.35 19.39 -31.72
N LEU B 368 11.38 18.86 -30.97
CA LEU B 368 11.69 18.09 -29.76
C LEU B 368 12.32 16.74 -30.10
N GLN B 369 11.94 16.20 -31.26
CA GLN B 369 12.51 14.95 -31.75
C GLN B 369 14.01 15.14 -31.99
N GLY B 370 14.41 16.35 -32.37
CA GLY B 370 15.81 16.70 -32.52
C GLY B 370 16.52 16.76 -31.18
N ASP B 371 15.85 17.37 -30.21
CA ASP B 371 16.37 17.47 -28.85
C ASP B 371 16.54 16.09 -28.21
N TYR B 372 15.59 15.20 -28.51
CA TYR B 372 15.63 13.84 -28.00
C TYR B 372 16.85 13.06 -28.50
N VAL B 373 17.12 13.13 -29.79
CA VAL B 373 18.28 12.46 -30.40
C VAL B 373 19.60 12.87 -29.71
N ALA B 374 19.71 14.17 -29.40
CA ALA B 374 20.91 14.72 -28.76
C ALA B 374 20.99 14.37 -27.27
N TYR B 375 19.85 14.30 -26.61
CA TYR B 375 19.77 13.84 -25.23
C TYR B 375 20.23 12.38 -25.19
N GLU B 376 19.61 11.55 -26.02
CA GLU B 376 19.93 10.15 -26.14
C GLU B 376 21.41 9.88 -26.44
N ALA B 377 22.03 10.75 -27.24
CA ALA B 377 23.45 10.62 -27.58
C ALA B 377 24.31 11.04 -26.40
N ALA B 378 23.88 12.04 -25.65
CA ALA B 378 24.58 12.48 -24.45
C ALA B 378 24.50 11.42 -23.37
N VAL B 379 23.33 10.81 -23.24
CA VAL B 379 23.12 9.72 -22.29
C VAL B 379 24.01 8.53 -22.64
N ALA B 380 23.93 8.08 -23.89
CA ALA B 380 24.68 6.91 -24.38
C ALA B 380 26.19 7.03 -24.21
N GLU B 381 26.70 8.25 -24.31
CA GLU B 381 28.13 8.50 -24.10
C GLU B 381 28.55 8.32 -22.63
N GLN B 382 27.79 8.90 -21.72
CA GLN B 382 28.05 8.77 -20.29
C GLN B 382 27.87 7.32 -19.85
N VAL B 383 26.80 6.69 -20.32
CA VAL B 383 26.57 5.28 -20.00
C VAL B 383 27.78 4.43 -20.36
N LYS B 384 28.22 4.50 -21.61
CA LYS B 384 29.40 3.76 -22.08
C LYS B 384 30.66 3.97 -21.22
N GLU B 385 30.88 5.20 -20.76
CA GLU B 385 32.04 5.55 -19.95
C GLU B 385 31.95 4.95 -18.55
N LEU B 386 30.77 5.06 -17.96
CA LEU B 386 30.52 4.50 -16.63
C LEU B 386 30.62 2.98 -16.62
N ILE B 387 30.14 2.33 -17.68
CA ILE B 387 30.26 0.86 -17.80
C ILE B 387 31.73 0.41 -17.88
N GLU B 388 32.56 1.24 -18.51
CA GLU B 388 33.99 0.97 -18.58
C GLU B 388 34.64 1.14 -17.20
N LYS B 389 34.24 2.17 -16.47
CA LYS B 389 34.63 2.34 -15.06
C LYS B 389 34.31 1.09 -14.23
N LEU B 390 33.12 0.52 -14.45
CA LEU B 390 32.70 -0.72 -13.80
C LEU B 390 33.54 -1.92 -14.20
N ARG B 391 33.82 -2.03 -15.49
CA ARG B 391 34.53 -3.17 -16.08
C ARG B 391 35.89 -3.42 -15.43
N LEU B 392 36.54 -2.35 -14.97
CA LEU B 392 37.90 -2.44 -14.42
C LEU B 392 37.98 -3.41 -13.26
N CYS B 393 37.09 -3.24 -12.27
CA CYS B 393 37.14 -4.11 -11.10
C CYS B 393 35.92 -5.01 -10.91
N SER B 394 34.98 -4.92 -11.85
CA SER B 394 33.77 -5.75 -11.83
C SER B 394 33.36 -6.19 -13.25
N PRO B 395 34.22 -6.96 -13.94
CA PRO B 395 33.95 -7.29 -15.35
C PRO B 395 32.64 -8.06 -15.60
N GLY B 396 32.30 -9.00 -14.74
CA GLY B 396 31.04 -9.77 -14.87
C GLY B 396 29.79 -8.92 -14.69
N PHE B 397 29.77 -8.11 -13.64
CA PHE B 397 28.66 -7.19 -13.37
C PHE B 397 28.50 -6.18 -14.50
N ALA B 398 29.63 -5.60 -14.95
CA ALA B 398 29.65 -4.67 -16.08
C ALA B 398 28.98 -5.22 -17.33
N ALA B 399 29.12 -6.52 -17.58
CA ALA B 399 28.50 -7.18 -18.72
C ALA B 399 26.97 -7.24 -18.59
N SER B 400 26.50 -7.60 -17.40
CA SER B 400 25.07 -7.61 -17.12
C SER B 400 24.44 -6.21 -17.25
N VAL B 401 25.17 -5.17 -16.83
CA VAL B 401 24.76 -3.77 -17.01
C VAL B 401 24.68 -3.37 -18.50
N GLU B 402 25.67 -3.79 -19.30
CA GLU B 402 25.64 -3.66 -20.76
C GLU B 402 24.39 -4.28 -21.35
N THR B 403 24.06 -5.47 -20.87
CA THR B 403 22.87 -6.17 -21.31
C THR B 403 21.60 -5.37 -21.00
N LEU B 404 21.54 -4.78 -19.82
CA LEU B 404 20.40 -3.97 -19.40
C LEU B 404 20.27 -2.73 -20.28
N TRP B 405 21.39 -2.05 -20.50
CA TRP B 405 21.42 -0.90 -21.37
C TRP B 405 20.93 -1.25 -22.79
N GLY B 406 21.34 -2.44 -23.26
CA GLY B 406 20.96 -2.94 -24.57
C GLY B 406 19.46 -3.14 -24.72
N LYS B 407 18.80 -3.51 -23.62
CA LYS B 407 17.35 -3.66 -23.59
C LYS B 407 16.69 -2.28 -23.43
N THR B 408 17.50 -1.26 -23.15
CA THR B 408 16.98 0.09 -22.92
C THR B 408 17.16 1.00 -24.13
N TYR B 409 18.41 1.16 -24.56
CA TYR B 409 18.82 2.00 -25.66
C TYR B 409 17.97 1.77 -26.92
N LYS B 410 17.30 2.85 -27.35
CA LYS B 410 16.46 2.85 -28.55
C LYS B 410 15.36 1.78 -28.55
N ARG B 411 14.80 1.52 -27.37
CA ARG B 411 13.71 0.57 -27.21
C ARG B 411 12.50 1.01 -28.04
N GLN B 412 11.81 0.01 -28.59
CA GLN B 412 10.59 0.21 -29.36
C GLN B 412 9.41 0.03 -28.41
N LYS B 413 9.57 -0.94 -27.50
CA LYS B 413 8.67 -1.20 -26.36
C LYS B 413 7.20 -1.47 -26.72
#